data_4ZJV
#
_entry.id   4ZJV
#
_cell.length_a   58.459
_cell.length_b   81.865
_cell.length_c   96.190
_cell.angle_alpha   90.00
_cell.angle_beta   106.67
_cell.angle_gamma   90.00
#
_symmetry.space_group_name_H-M   'P 1 21 1'
#
loop_
_entity.id
_entity.type
_entity.pdbx_description
1 polymer 'Epidermal growth factor receptor'
2 polymer 'ERBB receptor feedback inhibitor 1'
3 water water
#
loop_
_entity_poly.entity_id
_entity_poly.type
_entity_poly.pdbx_seq_one_letter_code
_entity_poly.pdbx_strand_id
1 'polypeptide(L)'
;GSTSGEAPNQALLRILKETEFKKIKVLGSGAFGTVYKGLWIPEGEKVKIPVAIKELREATSPKANKEILDEAYVMASVDN
PHVCRLLGICLTSTVQLITQLMPFGCLLDYVREHKDNIGSQYLLNWCVQIAKGMNYLEDRRLVHRDLAARNVLVKTPQHV
KITDFGLAKLLGAEEKEYHAEGGKVPIKWMALESILHRIYTHQSDVWSYGVTVWELMTFGSKPYDGIPASEISSILEKGE
RLPQPPICTIDVYMIMVKCWMIDADSRPKFRELIIEFSKMARDPQRYLVIQGDERMHLPSPTDSNFYRALMDEEDMDDVV
DADEYLIPQQG
;
A,B
2 'polypeptide(L)' SRTPSPKSLPSYLNGVMPPTQSFAPDPKYVSSKALQRQNSEGSASKVPCILPIIENGKKVCSTH(PTR)(PTR)LLPE C,D
#
# COMPACT_ATOMS: atom_id res chain seq x y z
N LEU A 12 4.82 -19.29 41.92
CA LEU A 12 4.00 -19.22 40.66
C LEU A 12 4.83 -18.93 39.40
N LEU A 13 6.09 -18.56 39.58
CA LEU A 13 7.03 -18.25 38.50
C LEU A 13 8.04 -19.37 38.39
N ARG A 14 8.18 -19.94 37.20
CA ARG A 14 8.96 -21.16 37.03
C ARG A 14 10.45 -20.85 36.89
N ILE A 15 11.26 -21.46 37.74
CA ILE A 15 12.70 -21.28 37.67
C ILE A 15 13.27 -22.41 36.81
N LEU A 16 13.93 -22.06 35.72
CA LEU A 16 14.37 -23.05 34.74
C LEU A 16 15.85 -23.30 34.90
N LYS A 17 16.27 -24.57 34.75
CA LYS A 17 17.70 -24.90 34.66
C LYS A 17 18.17 -24.75 33.23
N GLU A 18 19.45 -24.46 33.07
CA GLU A 18 20.01 -24.19 31.75
C GLU A 18 19.92 -25.40 30.82
N THR A 19 20.01 -26.59 31.40
CA THR A 19 19.82 -27.86 30.68
C THR A 19 18.44 -28.00 30.01
N GLU A 20 17.42 -27.37 30.59
CA GLU A 20 16.06 -27.49 30.08
C GLU A 20 15.84 -26.86 28.71
N PHE A 21 16.71 -25.94 28.30
CA PHE A 21 16.43 -25.12 27.12
C PHE A 21 17.69 -24.78 26.34
N LYS A 22 17.53 -24.56 25.05
CA LYS A 22 18.64 -24.26 24.16
C LYS A 22 18.20 -23.17 23.19
N LYS A 23 19.15 -22.32 22.83
CA LYS A 23 18.91 -21.25 21.87
C LYS A 23 19.24 -21.74 20.45
N ILE A 24 18.23 -21.89 19.61
CA ILE A 24 18.45 -22.28 18.22
C ILE A 24 19.05 -21.12 17.41
N LYS A 25 18.36 -19.99 17.39
CA LYS A 25 18.72 -18.84 16.53
C LYS A 25 18.70 -17.50 17.28
N VAL A 26 19.46 -16.54 16.78
CA VAL A 26 19.31 -15.13 17.16
C VAL A 26 18.15 -14.51 16.37
N LEU A 27 17.30 -13.77 17.08
CA LEU A 27 16.21 -13.02 16.47
C LEU A 27 16.37 -11.50 16.56
N GLY A 28 17.17 -11.02 17.50
CA GLY A 28 17.42 -9.58 17.62
C GLY A 28 18.35 -9.17 18.73
N SER A 29 18.81 -7.93 18.67
CA SER A 29 19.65 -7.35 19.71
C SER A 29 19.25 -5.92 19.98
N GLY A 30 19.81 -5.32 21.02
CA GLY A 30 19.49 -3.95 21.41
C GLY A 30 20.13 -3.61 22.74
N ALA A 31 19.66 -2.52 23.34
CA ALA A 31 20.18 -2.07 24.62
C ALA A 31 19.95 -3.12 25.70
N PHE A 32 18.71 -3.63 25.77
CA PHE A 32 18.33 -4.65 26.73
C PHE A 32 19.22 -5.89 26.60
N GLY A 33 19.50 -6.32 25.37
CA GLY A 33 20.25 -7.56 25.17
C GLY A 33 19.87 -8.29 23.90
N THR A 34 19.62 -9.59 23.98
CA THR A 34 19.45 -10.41 22.76
C THR A 34 18.28 -11.38 22.89
N VAL A 35 17.49 -11.50 21.83
CA VAL A 35 16.36 -12.43 21.76
C VAL A 35 16.69 -13.61 20.87
N TYR A 36 16.29 -14.81 21.30
CA TYR A 36 16.62 -16.04 20.59
C TYR A 36 15.37 -16.81 20.23
N LYS A 37 15.40 -17.46 19.06
CA LYS A 37 14.55 -18.63 18.80
C LYS A 37 15.11 -19.78 19.61
N GLY A 38 14.24 -20.51 20.30
CA GLY A 38 14.71 -21.50 21.24
C GLY A 38 13.75 -22.64 21.41
N LEU A 39 14.18 -23.64 22.15
CA LEU A 39 13.40 -24.82 22.40
C LEU A 39 13.44 -25.15 23.87
N TRP A 40 12.28 -25.42 24.45
CA TRP A 40 12.19 -25.70 25.85
C TRP A 40 11.66 -27.11 26.05
N ILE A 41 12.38 -27.88 26.85
CA ILE A 41 11.90 -29.19 27.32
C ILE A 41 11.65 -29.11 28.84
N PRO A 42 10.38 -29.00 29.24
CA PRO A 42 10.05 -29.17 30.66
C PRO A 42 10.46 -30.55 31.18
N GLU A 43 10.62 -30.69 32.49
CA GLU A 43 11.49 -31.73 33.09
C GLU A 43 11.06 -33.19 32.85
N GLY A 44 9.85 -33.53 33.30
CA GLY A 44 9.32 -34.89 33.11
C GLY A 44 8.56 -35.08 31.81
N GLU A 45 9.15 -34.63 30.70
CA GLU A 45 8.50 -34.69 29.38
C GLU A 45 9.55 -34.96 28.30
N VAL A 47 7.65 -33.42 25.61
CA VAL A 47 7.22 -32.31 24.78
C VAL A 47 8.31 -31.24 24.62
N LYS A 48 8.48 -30.78 23.38
CA LYS A 48 9.35 -29.65 23.06
C LYS A 48 8.46 -28.44 22.77
N ILE A 49 8.78 -27.30 23.36
CA ILE A 49 7.96 -26.10 23.19
C ILE A 49 8.81 -25.02 22.55
N PRO A 50 8.39 -24.54 21.37
CA PRO A 50 9.12 -23.44 20.74
C PRO A 50 8.93 -22.11 21.51
N VAL A 51 10.04 -21.55 21.98
CA VAL A 51 10.00 -20.39 22.87
C VAL A 51 10.90 -19.27 22.35
N ALA A 52 10.64 -18.06 22.82
CA ALA A 52 11.61 -16.97 22.72
C ALA A 52 12.40 -16.87 24.01
N ILE A 53 13.67 -16.57 23.90
CA ILE A 53 14.52 -16.42 25.05
C ILE A 53 15.23 -15.08 25.01
N LYS A 54 14.83 -14.20 25.92
CA LYS A 54 15.44 -12.87 26.04
C LYS A 54 16.57 -12.93 27.05
N GLU A 55 17.78 -12.62 26.60
CA GLU A 55 18.92 -12.54 27.51
C GLU A 55 19.28 -11.09 27.80
N LEU A 56 18.97 -10.66 29.01
CA LEU A 56 19.30 -9.32 29.49
C LEU A 56 20.78 -9.20 29.78
N ARG A 57 21.41 -8.13 29.33
CA ARG A 57 22.86 -8.01 29.48
C ARG A 57 23.35 -6.78 30.24
N GLU A 58 22.45 -6.07 30.93
CA GLU A 58 22.89 -4.96 31.79
C GLU A 58 23.50 -5.51 33.08
N ALA A 59 24.71 -5.06 33.42
CA ALA A 59 25.33 -5.44 34.68
C ALA A 59 24.51 -4.89 35.84
N THR A 60 23.72 -5.77 36.45
CA THR A 60 22.74 -5.33 37.42
C THR A 60 23.33 -5.10 38.83
N SER A 61 22.91 -4.02 39.46
CA SER A 61 22.97 -3.89 40.88
C SER A 61 22.07 -4.93 41.54
N PRO A 62 22.21 -5.08 42.88
CA PRO A 62 21.16 -5.72 43.70
C PRO A 62 19.80 -5.03 43.52
N LYS A 63 19.79 -3.71 43.57
CA LYS A 63 18.59 -2.92 43.31
C LYS A 63 17.92 -3.32 41.99
N ALA A 64 18.71 -3.41 40.93
CA ALA A 64 18.21 -3.79 39.62
C ALA A 64 17.67 -5.23 39.55
N ASN A 65 18.37 -6.18 40.15
CA ASN A 65 17.91 -7.57 40.11
C ASN A 65 16.64 -7.81 40.89
N LYS A 66 16.57 -7.21 42.06
CA LYS A 66 15.35 -7.28 42.86
C LYS A 66 14.17 -6.73 42.06
N GLU A 67 14.41 -5.64 41.32
CA GLU A 67 13.35 -4.98 40.56
C GLU A 67 12.89 -5.85 39.40
N ILE A 68 13.81 -6.57 38.76
CA ILE A 68 13.46 -7.40 37.60
C ILE A 68 12.61 -8.58 38.05
N LEU A 69 13.13 -9.30 39.03
CA LEU A 69 12.42 -10.36 39.69
C LEU A 69 10.98 -10.00 40.06
N ASP A 70 10.80 -8.89 40.77
CA ASP A 70 9.46 -8.51 41.22
C ASP A 70 8.51 -8.34 40.05
N GLU A 71 8.99 -7.65 39.02
CA GLU A 71 8.35 -7.58 37.72
C GLU A 71 8.07 -8.97 37.12
N ALA A 72 9.05 -9.86 37.23
CA ALA A 72 8.93 -11.23 36.76
C ALA A 72 7.88 -12.07 37.47
N TYR A 73 7.76 -11.93 38.79
CA TYR A 73 6.73 -12.65 39.53
C TYR A 73 5.37 -12.29 38.97
N VAL A 74 5.16 -11.00 38.73
CA VAL A 74 3.89 -10.53 38.19
C VAL A 74 3.65 -11.09 36.80
N MET A 75 4.65 -11.00 35.93
CA MET A 75 4.48 -11.43 34.55
C MET A 75 4.20 -12.91 34.44
N ALA A 76 4.78 -13.69 35.35
CA ALA A 76 4.52 -15.12 35.44
C ALA A 76 3.05 -15.42 35.69
N SER A 77 2.39 -14.53 36.43
CA SER A 77 1.02 -14.76 36.87
C SER A 77 -0.06 -14.24 35.92
N VAL A 78 0.33 -13.59 34.83
CA VAL A 78 -0.67 -12.86 34.03
C VAL A 78 -1.57 -13.85 33.32
N ASP A 79 -2.86 -13.57 33.27
CA ASP A 79 -3.80 -14.37 32.48
C ASP A 79 -4.79 -13.47 31.74
N ASN A 80 -4.29 -12.87 30.67
CA ASN A 80 -5.04 -11.94 29.83
C ASN A 80 -4.67 -12.19 28.38
N PRO A 81 -5.67 -12.26 27.49
CA PRO A 81 -5.35 -12.54 26.07
C PRO A 81 -4.28 -11.62 25.43
N HIS A 82 -4.15 -10.39 25.93
CA HIS A 82 -3.37 -9.36 25.25
C HIS A 82 -2.02 -9.07 25.90
N VAL A 83 -1.59 -9.96 26.79
CA VAL A 83 -0.27 -9.85 27.42
C VAL A 83 0.40 -11.22 27.44
N CYS A 84 1.69 -11.23 27.09
CA CYS A 84 2.49 -12.47 27.07
C CYS A 84 2.85 -12.88 28.46
N ARG A 85 2.57 -14.13 28.79
CA ARG A 85 2.95 -14.69 30.07
C ARG A 85 4.44 -15.03 30.06
N LEU A 86 5.11 -14.74 31.16
CA LEU A 86 6.45 -15.24 31.41
C LEU A 86 6.31 -16.70 31.79
N LEU A 87 6.89 -17.55 30.96
CA LEU A 87 6.76 -18.96 31.16
C LEU A 87 7.77 -19.41 32.20
N GLY A 88 9.00 -18.91 32.09
CA GLY A 88 9.99 -19.18 33.13
C GLY A 88 11.13 -18.21 33.16
N ILE A 89 12.03 -18.41 34.11
CA ILE A 89 13.23 -17.60 34.24
C ILE A 89 14.49 -18.44 34.57
N CYS A 90 15.60 -18.15 33.88
CA CYS A 90 16.87 -18.75 34.20
C CYS A 90 17.89 -17.69 34.58
N LEU A 91 18.07 -17.51 35.90
CA LEU A 91 19.12 -16.67 36.43
C LEU A 91 20.44 -17.44 36.61
N THR A 92 21.51 -16.89 36.04
CA THR A 92 22.87 -17.35 36.29
C THR A 92 23.89 -16.23 36.56
N SER A 93 24.74 -15.95 35.58
CA SER A 93 25.42 -14.66 35.45
C SER A 93 24.58 -13.68 34.61
N THR A 94 23.59 -14.19 33.87
CA THR A 94 22.66 -13.36 33.15
C THR A 94 21.23 -13.82 33.33
N VAL A 95 20.30 -12.87 33.25
CA VAL A 95 18.90 -13.17 33.37
C VAL A 95 18.40 -13.57 32.00
N GLN A 96 17.58 -14.61 31.96
CA GLN A 96 16.99 -15.08 30.71
C GLN A 96 15.52 -15.29 30.94
N LEU A 97 14.70 -14.56 30.18
CA LEU A 97 13.26 -14.63 30.31
C LEU A 97 12.79 -15.53 29.20
N ILE A 98 11.99 -16.54 29.56
CA ILE A 98 11.51 -17.49 28.59
C ILE A 98 10.02 -17.31 28.38
N THR A 99 9.66 -17.23 27.11
CA THR A 99 8.32 -16.84 26.72
C THR A 99 7.92 -17.55 25.43
N GLN A 100 6.61 -17.75 25.26
CA GLN A 100 6.08 -18.39 24.07
C GLN A 100 6.51 -17.65 22.80
N LEU A 101 7.02 -18.39 21.82
CA LEU A 101 7.43 -17.81 20.53
C LEU A 101 6.24 -17.28 19.74
N MET A 102 6.40 -16.07 19.19
CA MET A 102 5.43 -15.49 18.26
C MET A 102 6.08 -15.43 16.88
N PRO A 103 5.71 -16.38 16.02
CA PRO A 103 6.39 -16.49 14.74
C PRO A 103 6.02 -15.35 13.81
N PHE A 104 4.77 -14.87 13.89
CA PHE A 104 4.39 -13.68 13.12
C PHE A 104 5.25 -12.44 13.42
N GLY A 105 5.84 -12.36 14.62
CA GLY A 105 6.76 -11.27 14.97
C GLY A 105 6.06 -10.06 15.56
N CYS A 106 6.65 -8.87 15.39
CA CYS A 106 6.15 -7.69 16.06
C CYS A 106 5.26 -6.89 15.13
N LEU A 107 4.48 -6.02 15.72
CA LEU A 107 3.48 -5.27 14.99
C LEU A 107 4.08 -4.16 14.13
N LEU A 108 5.17 -3.55 14.58
CA LEU A 108 5.85 -2.55 13.75
C LEU A 108 6.24 -3.15 12.40
N ASP A 109 6.84 -4.33 12.41
CA ASP A 109 7.24 -4.96 11.16
C ASP A 109 6.02 -5.28 10.28
N TYR A 110 4.93 -5.70 10.94
CA TYR A 110 3.74 -6.12 10.22
C TYR A 110 3.15 -4.98 9.40
N VAL A 111 3.02 -3.81 10.00
CA VAL A 111 2.31 -2.72 9.34
C VAL A 111 3.15 -2.11 8.25
N ARG A 112 4.47 -2.20 8.40
CA ARG A 112 5.42 -1.82 7.37
C ARG A 112 5.36 -2.76 6.18
N GLU A 113 5.36 -4.06 6.46
CA GLU A 113 5.43 -5.06 5.42
C GLU A 113 4.07 -5.46 4.83
N HIS A 114 3.01 -5.32 5.61
CA HIS A 114 1.69 -5.72 5.17
C HIS A 114 0.68 -4.60 5.33
N LYS A 115 1.13 -3.37 5.12
CA LYS A 115 0.22 -2.25 4.99
C LYS A 115 -1.07 -2.59 4.23
N ASP A 116 -0.96 -3.24 3.08
CA ASP A 116 -2.11 -3.46 2.19
C ASP A 116 -3.10 -4.47 2.73
N ASN A 117 -2.70 -5.19 3.76
CA ASN A 117 -3.59 -6.15 4.39
C ASN A 117 -4.06 -5.59 5.72
N ILE A 118 -4.30 -4.28 5.76
CA ILE A 118 -4.73 -3.67 7.01
C ILE A 118 -5.80 -2.63 6.78
N GLY A 119 -6.97 -2.85 7.37
CA GLY A 119 -8.08 -1.90 7.28
C GLY A 119 -8.36 -1.20 8.59
N SER A 120 -9.43 -0.44 8.61
CA SER A 120 -9.79 0.33 9.80
C SER A 120 -10.18 -0.58 10.96
N GLN A 121 -10.85 -1.70 10.66
CA GLN A 121 -11.24 -2.64 11.70
C GLN A 121 -10.03 -3.19 12.46
N TYR A 122 -9.07 -3.73 11.74
CA TYR A 122 -7.83 -4.23 12.34
C TYR A 122 -7.20 -3.19 13.25
N LEU A 123 -7.14 -1.94 12.78
CA LEU A 123 -6.35 -0.89 13.46
C LEU A 123 -6.95 -0.48 14.77
N LEU A 124 -8.25 -0.23 14.80
CA LEU A 124 -8.91 0.14 16.06
C LEU A 124 -9.02 -1.02 17.05
N ASN A 125 -9.07 -2.25 16.54
CA ASN A 125 -9.05 -3.39 17.43
C ASN A 125 -7.67 -3.57 18.05
N TRP A 126 -6.62 -3.36 17.27
CA TRP A 126 -5.29 -3.33 17.83
C TRP A 126 -5.21 -2.30 18.96
N CYS A 127 -5.83 -1.15 18.77
CA CYS A 127 -5.78 -0.09 19.77
C CYS A 127 -6.44 -0.54 21.06
N VAL A 128 -7.62 -1.12 20.93
CA VAL A 128 -8.36 -1.67 22.07
C VAL A 128 -7.56 -2.76 22.82
N GLN A 129 -7.05 -3.71 22.05
CA GLN A 129 -6.31 -4.84 22.59
C GLN A 129 -5.11 -4.42 23.42
N ILE A 130 -4.37 -3.44 22.91
CA ILE A 130 -3.23 -2.91 23.62
C ILE A 130 -3.67 -2.17 24.87
N ALA A 131 -4.72 -1.36 24.75
CA ALA A 131 -5.27 -0.66 25.91
C ALA A 131 -5.66 -1.63 27.01
N LYS A 132 -6.39 -2.67 26.63
CA LYS A 132 -6.83 -3.71 27.56
C LYS A 132 -5.66 -4.38 28.29
N GLY A 133 -4.67 -4.78 27.52
CA GLY A 133 -3.47 -5.36 28.08
C GLY A 133 -2.78 -4.38 29.02
N MET A 134 -2.67 -3.13 28.60
CA MET A 134 -1.96 -2.12 29.39
C MET A 134 -2.72 -1.79 30.66
N ASN A 135 -4.05 -1.88 30.59
CA ASN A 135 -4.92 -1.67 31.74
C ASN A 135 -4.80 -2.80 32.75
N TYR A 136 -4.72 -4.01 32.20
CA TYR A 136 -4.49 -5.19 33.01
C TYR A 136 -3.23 -5.06 33.85
N LEU A 137 -2.15 -4.56 33.25
CA LEU A 137 -0.90 -4.40 33.96
C LEU A 137 -0.95 -3.27 34.97
N GLU A 138 -1.69 -2.21 34.64
CA GLU A 138 -1.92 -1.12 35.58
C GLU A 138 -2.68 -1.59 36.82
N ASP A 139 -3.62 -2.50 36.66
CA ASP A 139 -4.26 -3.12 37.82
C ASP A 139 -3.31 -3.96 38.63
N ARG A 140 -2.28 -4.48 37.98
CA ARG A 140 -1.24 -5.21 38.64
C ARG A 140 -0.15 -4.29 39.18
N ARG A 141 -0.38 -2.99 39.14
CA ARG A 141 0.57 -2.04 39.63
C ARG A 141 1.90 -2.06 38.88
N LEU A 142 1.88 -2.45 37.61
CA LEU A 142 3.08 -2.51 36.79
C LEU A 142 3.20 -1.33 35.83
N VAL A 143 4.21 -0.49 36.03
CA VAL A 143 4.60 0.49 35.05
C VAL A 143 5.44 -0.22 33.98
N HIS A 144 4.94 -0.25 32.74
CA HIS A 144 5.57 -1.00 31.64
C HIS A 144 6.85 -0.35 31.20
N ARG A 145 6.82 0.96 31.02
CA ARG A 145 7.99 1.77 30.71
C ARG A 145 8.59 1.58 29.32
N ASP A 146 7.98 0.79 28.46
CA ASP A 146 8.58 0.46 27.15
C ASP A 146 7.54 0.08 26.08
N LEU A 147 6.44 0.82 26.03
CA LEU A 147 5.43 0.55 25.04
C LEU A 147 5.82 1.20 23.73
N ALA A 148 5.87 0.44 22.66
CA ALA A 148 6.19 0.93 21.35
C ALA A 148 5.67 -0.12 20.48
N ALA A 149 5.57 0.13 19.19
CA ALA A 149 5.09 -0.89 18.28
C ALA A 149 6.17 -1.93 18.11
N ARG A 150 7.39 -1.59 18.55
CA ARG A 150 8.51 -2.52 18.46
C ARG A 150 8.44 -3.57 19.56
N ASN A 151 7.39 -3.51 20.38
CA ASN A 151 7.21 -4.46 21.48
C ASN A 151 5.75 -4.88 21.63
N VAL A 152 4.99 -4.78 20.55
CA VAL A 152 3.70 -5.44 20.49
C VAL A 152 3.87 -6.50 19.47
N LEU A 153 3.43 -7.71 19.82
CA LEU A 153 3.68 -8.88 19.02
C LEU A 153 2.38 -9.42 18.47
N VAL A 154 2.46 -9.98 17.26
CA VAL A 154 1.30 -10.53 16.57
C VAL A 154 1.26 -12.02 16.83
N LYS A 155 0.27 -12.44 17.63
CA LYS A 155 -0.16 -13.84 17.68
C LYS A 155 -0.76 -14.21 16.35
N THR A 156 -1.79 -13.46 15.97
CA THR A 156 -2.41 -13.59 14.68
C THR A 156 -2.92 -12.23 14.27
N PRO A 157 -3.06 -11.97 12.96
CA PRO A 157 -3.32 -10.56 12.58
C PRO A 157 -4.55 -9.91 13.25
N GLN A 158 -5.48 -10.73 13.75
CA GLN A 158 -6.59 -10.24 14.56
C GLN A 158 -6.28 -10.07 16.04
N HIS A 159 -5.17 -10.64 16.53
CA HIS A 159 -4.91 -10.77 17.97
C HIS A 159 -3.44 -10.41 18.28
N VAL A 160 -3.23 -9.37 19.07
CA VAL A 160 -1.86 -8.91 19.40
C VAL A 160 -1.64 -8.83 20.90
N LYS A 161 -0.36 -8.91 21.28
CA LYS A 161 0.09 -9.10 22.67
C LYS A 161 1.22 -8.13 23.05
N ILE A 162 1.15 -7.58 24.24
CA ILE A 162 2.26 -6.81 24.79
C ILE A 162 3.29 -7.71 25.47
N THR A 163 4.58 -7.38 25.35
CA THR A 163 5.65 -8.08 26.07
C THR A 163 6.55 -7.12 26.86
N ASP A 164 7.42 -7.73 27.66
CA ASP A 164 8.44 -7.00 28.37
C ASP A 164 9.82 -7.58 28.12
N PHE A 165 10.83 -6.70 28.15
CA PHE A 165 12.22 -7.11 28.00
C PHE A 165 12.99 -6.76 29.26
N GLY A 166 12.30 -6.85 30.40
CA GLY A 166 12.93 -6.71 31.70
C GLY A 166 12.93 -5.32 32.30
N LEU A 167 12.33 -4.36 31.60
CA LEU A 167 12.43 -2.97 32.01
C LEU A 167 11.24 -2.47 32.82
N ALA A 168 10.21 -3.29 33.03
CA ALA A 168 9.01 -2.84 33.75
C ALA A 168 9.21 -2.81 35.27
N LYS A 169 8.38 -2.03 35.97
CA LYS A 169 8.53 -1.87 37.42
C LYS A 169 7.23 -2.06 38.17
N LEU A 170 7.31 -2.81 39.26
CA LEU A 170 6.22 -2.96 40.21
C LEU A 170 6.27 -1.84 41.20
N LEU A 171 5.19 -1.08 41.31
CA LEU A 171 5.10 -0.02 42.28
C LEU A 171 4.62 -0.61 43.59
N GLY A 172 5.26 -0.21 44.69
CA GLY A 172 4.84 -0.60 46.03
C GLY A 172 3.52 0.05 46.42
N ALA A 173 3.02 -0.27 47.61
CA ALA A 173 1.64 0.00 48.02
C ALA A 173 1.20 1.46 47.86
N GLU A 174 2.04 2.40 48.27
CA GLU A 174 1.70 3.82 48.25
C GLU A 174 2.59 4.62 47.28
N GLU A 175 2.94 4.01 46.16
CA GLU A 175 3.82 4.63 45.18
C GLU A 175 3.03 4.91 43.92
N LYS A 176 3.17 6.13 43.42
CA LYS A 176 2.61 6.48 42.12
C LYS A 176 3.70 6.54 41.06
N GLU A 177 4.94 6.78 41.47
CA GLU A 177 6.03 7.12 40.56
C GLU A 177 7.11 6.09 40.68
N TYR A 178 7.89 5.93 39.62
CA TYR A 178 9.16 5.23 39.69
C TYR A 178 10.22 6.16 39.16
N HIS A 179 11.31 6.30 39.90
CA HIS A 179 12.38 7.20 39.52
C HIS A 179 13.52 6.36 39.01
N ALA A 180 13.76 6.39 37.72
CA ALA A 180 14.85 5.63 37.09
C ALA A 180 16.25 6.22 37.33
N GLU A 181 17.28 5.38 37.20
CA GLU A 181 18.65 5.69 37.64
C GLU A 181 19.52 6.25 36.53
N GLY A 182 19.01 6.26 35.30
CA GLY A 182 19.83 6.52 34.11
C GLY A 182 20.14 5.23 33.36
N GLY A 183 20.11 5.29 32.03
CA GLY A 183 20.22 4.09 31.19
C GLY A 183 20.06 4.42 29.72
N LYS A 184 19.88 3.39 28.89
CA LYS A 184 19.61 3.61 27.48
C LYS A 184 18.08 3.63 27.26
N VAL A 185 17.58 4.72 26.69
CA VAL A 185 16.15 5.04 26.76
C VAL A 185 15.58 5.55 25.43
N PRO A 186 14.35 5.12 25.07
CA PRO A 186 13.72 5.43 23.79
C PRO A 186 13.07 6.81 23.77
N ILE A 187 13.90 7.83 23.56
CA ILE A 187 13.52 9.22 23.79
C ILE A 187 12.22 9.57 23.08
N LYS A 188 12.10 9.18 21.83
CA LYS A 188 10.96 9.59 21.05
C LYS A 188 9.67 8.87 21.42
N TRP A 189 9.70 7.91 22.34
CA TRP A 189 8.48 7.31 22.85
C TRP A 189 8.10 7.79 24.25
N MET A 190 8.97 8.58 24.87
CA MET A 190 8.87 8.84 26.29
C MET A 190 8.09 10.10 26.54
N ALA A 191 7.38 10.10 27.67
CA ALA A 191 6.71 11.30 28.11
C ALA A 191 7.73 12.29 28.64
N LEU A 192 7.39 13.58 28.58
CA LEU A 192 8.39 14.62 28.77
C LEU A 192 8.96 14.53 30.18
N GLU A 193 8.12 14.19 31.16
CA GLU A 193 8.57 14.11 32.55
C GLU A 193 9.54 12.94 32.75
N SER A 194 9.46 11.91 31.92
CA SER A 194 10.46 10.85 31.94
C SER A 194 11.84 11.26 31.41
N ILE A 195 11.91 12.32 30.61
CA ILE A 195 13.18 12.76 30.02
C ILE A 195 13.82 13.81 30.92
N LEU A 196 13.06 14.81 31.32
CA LEU A 196 13.55 15.83 32.22
C LEU A 196 13.88 15.31 33.61
N HIS A 197 13.04 14.43 34.15
CA HIS A 197 13.15 14.01 35.56
C HIS A 197 13.29 12.52 35.78
N ARG A 198 13.29 11.74 34.71
CA ARG A 198 13.35 10.30 34.76
C ARG A 198 12.23 9.68 35.59
N ILE A 199 11.05 10.30 35.54
CA ILE A 199 9.91 9.81 36.31
C ILE A 199 8.99 8.95 35.45
N TYR A 200 8.67 7.74 35.90
CA TYR A 200 7.78 6.82 35.15
C TYR A 200 6.51 6.46 35.91
N THR A 201 5.36 6.65 35.26
CA THR A 201 4.05 6.39 35.87
C THR A 201 3.13 5.73 34.85
N HIS A 202 1.95 5.37 35.29
CA HIS A 202 0.96 4.77 34.42
C HIS A 202 0.55 5.77 33.39
N GLN A 203 0.63 7.04 33.73
CA GLN A 203 0.29 8.10 32.80
C GLN A 203 1.40 8.37 31.79
N SER A 204 2.67 8.10 32.15
CA SER A 204 3.77 8.16 31.16
C SER A 204 3.68 7.00 30.19
N ASP A 205 3.20 5.84 30.65
CA ASP A 205 2.83 4.75 29.72
C ASP A 205 1.73 5.17 28.75
N VAL A 206 0.76 5.94 29.23
CA VAL A 206 -0.27 6.53 28.37
C VAL A 206 0.33 7.36 27.23
N TRP A 207 1.29 8.23 27.53
CA TRP A 207 2.01 8.94 26.49
C TRP A 207 2.52 8.00 25.41
N SER A 208 3.20 6.94 25.85
CA SER A 208 3.85 6.02 24.90
C SER A 208 2.84 5.17 24.16
N TYR A 209 1.66 4.99 24.76
CA TYR A 209 0.52 4.43 24.05
C TYR A 209 0.10 5.28 22.84
N GLY A 210 0.05 6.59 23.04
CA GLY A 210 -0.26 7.51 21.98
C GLY A 210 0.70 7.31 20.82
N VAL A 211 2.00 7.25 21.13
CA VAL A 211 3.01 7.16 20.09
C VAL A 211 2.83 5.82 19.40
N THR A 212 2.70 4.77 20.18
CA THR A 212 2.36 3.46 19.62
C THR A 212 1.23 3.61 18.61
N VAL A 213 0.14 4.21 19.04
CA VAL A 213 -1.02 4.38 18.18
C VAL A 213 -0.70 5.19 16.88
N TRP A 214 0.07 6.28 17.00
CA TRP A 214 0.54 7.02 15.84
C TRP A 214 1.29 6.13 14.87
N GLU A 215 2.12 5.25 15.38
CA GLU A 215 2.91 4.39 14.52
C GLU A 215 1.98 3.51 13.67
N LEU A 216 0.98 2.95 14.33
CA LEU A 216 0.04 2.09 13.66
C LEU A 216 -0.61 2.85 12.50
N MET A 217 -1.17 4.02 12.80
CA MET A 217 -1.97 4.74 11.81
C MET A 217 -1.11 5.27 10.66
N THR A 218 0.18 5.46 10.90
CA THR A 218 1.09 5.88 9.84
C THR A 218 1.80 4.68 9.22
N PHE A 219 1.27 3.48 9.44
CA PHE A 219 1.88 2.22 8.97
C PHE A 219 3.39 2.14 9.14
N GLY A 220 3.88 2.50 10.34
CA GLY A 220 5.27 2.25 10.75
C GLY A 220 6.25 3.41 10.55
N SER A 221 5.77 4.65 10.54
CA SER A 221 6.65 5.77 10.34
C SER A 221 7.51 6.00 11.53
N LYS A 222 8.64 6.65 11.29
CA LYS A 222 9.57 6.96 12.33
C LYS A 222 9.11 8.29 12.93
N PRO A 223 8.82 8.29 14.25
CA PRO A 223 8.23 9.49 14.84
C PRO A 223 9.24 10.63 14.95
N TYR A 224 8.74 11.85 14.74
CA TYR A 224 9.57 13.04 14.73
C TYR A 224 10.71 12.92 13.71
N ASP A 225 10.39 12.38 12.52
CA ASP A 225 11.41 11.98 11.55
C ASP A 225 12.26 13.16 11.09
N GLY A 226 13.57 13.01 11.22
CA GLY A 226 14.51 14.06 10.94
C GLY A 226 14.73 15.06 12.06
N ILE A 227 14.17 14.81 13.24
CA ILE A 227 14.51 15.63 14.40
C ILE A 227 15.29 14.79 15.40
N PRO A 228 16.55 15.18 15.67
CA PRO A 228 17.38 14.37 16.56
C PRO A 228 16.82 14.33 17.97
N ALA A 229 16.92 13.17 18.60
CA ALA A 229 16.27 12.93 19.89
C ALA A 229 16.70 13.97 20.90
N SER A 230 17.93 14.48 20.76
CA SER A 230 18.48 15.60 21.55
C SER A 230 17.63 16.85 21.58
N GLU A 231 16.81 17.05 20.55
CA GLU A 231 15.93 18.21 20.43
C GLU A 231 14.50 17.96 20.89
N ILE A 232 14.18 16.72 21.27
CA ILE A 232 12.79 16.37 21.52
C ILE A 232 12.17 17.12 22.71
N SER A 233 12.87 17.16 23.83
CA SER A 233 12.31 17.83 25.00
C SER A 233 11.97 19.30 24.71
N SER A 234 12.78 19.95 23.89
CA SER A 234 12.50 21.33 23.54
C SER A 234 11.16 21.43 22.82
N ILE A 235 11.04 20.76 21.68
CA ILE A 235 9.88 20.95 20.82
C ILE A 235 8.57 20.58 21.53
N LEU A 236 8.66 19.63 22.45
CA LEU A 236 7.53 19.28 23.26
C LEU A 236 7.12 20.47 24.13
N GLU A 237 8.09 21.08 24.81
CA GLU A 237 7.83 22.24 25.69
C GLU A 237 7.19 23.40 24.95
N LYS A 238 7.55 23.54 23.66
CA LYS A 238 7.03 24.56 22.78
C LYS A 238 5.65 24.19 22.20
N GLY A 239 5.14 23.00 22.51
CA GLY A 239 3.78 22.62 22.11
C GLY A 239 3.72 21.82 20.82
N GLU A 240 4.87 21.45 20.27
CA GLU A 240 4.92 20.58 19.09
C GLU A 240 4.72 19.10 19.45
N ARG A 241 3.96 18.42 18.58
CA ARG A 241 3.58 17.04 18.81
C ARG A 241 3.55 16.33 17.45
N LEU A 242 3.46 15.00 17.47
CA LEU A 242 3.38 14.22 16.25
C LEU A 242 2.17 14.67 15.41
N PRO A 243 2.34 14.77 14.09
CA PRO A 243 1.32 15.29 13.17
C PRO A 243 0.11 14.37 13.00
N GLN A 244 -0.98 14.90 12.46
CA GLN A 244 -2.17 14.10 12.21
C GLN A 244 -1.93 13.09 11.08
N PRO A 245 -2.13 11.79 11.36
CA PRO A 245 -2.01 10.78 10.30
C PRO A 245 -2.99 11.01 9.17
N PRO A 246 -2.55 10.78 7.92
CA PRO A 246 -3.39 10.90 6.72
C PRO A 246 -4.73 10.17 6.72
N ILE A 247 -4.80 9.02 7.38
CA ILE A 247 -6.01 8.21 7.39
C ILE A 247 -6.98 8.57 8.51
N CYS A 248 -6.55 9.43 9.43
CA CYS A 248 -7.27 9.63 10.69
C CYS A 248 -8.25 10.78 10.62
N THR A 249 -9.49 10.56 11.04
CA THR A 249 -10.39 11.67 11.25
C THR A 249 -9.89 12.45 12.44
N ILE A 250 -10.49 13.60 12.70
CA ILE A 250 -10.09 14.40 13.83
C ILE A 250 -10.39 13.73 15.16
N ASP A 251 -11.47 12.95 15.24
CA ASP A 251 -11.87 12.30 16.49
C ASP A 251 -10.80 11.35 17.01
N VAL A 252 -10.22 10.56 16.12
CA VAL A 252 -9.15 9.65 16.55
C VAL A 252 -7.93 10.44 16.94
N TYR A 253 -7.55 11.41 16.10
CA TYR A 253 -6.30 12.13 16.33
C TYR A 253 -6.31 12.85 17.66
N MET A 254 -7.44 13.46 18.00
CA MET A 254 -7.53 14.19 19.24
C MET A 254 -7.36 13.29 20.46
N ILE A 255 -7.72 12.01 20.34
CA ILE A 255 -7.49 11.03 21.41
C ILE A 255 -6.00 10.81 21.61
N MET A 256 -5.29 10.63 20.50
CA MET A 256 -3.83 10.45 20.54
C MET A 256 -3.20 11.67 21.22
N VAL A 257 -3.69 12.86 20.87
CA VAL A 257 -3.01 14.08 21.27
C VAL A 257 -3.16 14.35 22.76
N LYS A 258 -4.35 14.08 23.28
CA LYS A 258 -4.63 14.17 24.71
C LYS A 258 -3.67 13.33 25.56
N CYS A 259 -3.14 12.25 24.99
CA CYS A 259 -2.10 11.46 25.67
C CYS A 259 -0.79 12.21 25.82
N TRP A 260 -0.61 13.27 25.05
CA TRP A 260 0.62 14.04 25.11
C TRP A 260 0.45 15.41 25.75
N MET A 261 -0.57 15.52 26.61
CA MET A 261 -0.70 16.69 27.46
C MET A 261 0.47 16.73 28.41
N ILE A 262 0.90 17.95 28.75
CA ILE A 262 2.02 18.15 29.67
C ILE A 262 1.70 17.60 31.05
N ASP A 263 0.54 17.96 31.60
CA ASP A 263 0.15 17.44 32.90
C ASP A 263 -0.28 15.98 32.81
N ALA A 264 0.52 15.10 33.41
CA ALA A 264 0.35 13.67 33.24
C ALA A 264 -1.01 13.17 33.71
N ASP A 265 -1.52 13.69 34.83
CA ASP A 265 -2.82 13.26 35.37
C ASP A 265 -3.99 13.67 34.50
N SER A 266 -3.82 14.73 33.71
CA SER A 266 -4.85 15.21 32.81
C SER A 266 -4.99 14.38 31.55
N ARG A 267 -4.00 13.55 31.22
CA ARG A 267 -4.10 12.64 30.08
C ARG A 267 -5.21 11.60 30.29
N PRO A 268 -5.67 10.93 29.21
CA PRO A 268 -6.61 9.87 29.41
C PRO A 268 -6.02 8.73 30.23
N LYS A 269 -6.91 7.86 30.69
CA LYS A 269 -6.55 6.65 31.40
C LYS A 269 -6.83 5.52 30.45
N PHE A 270 -6.12 4.42 30.59
CA PHE A 270 -6.34 3.27 29.72
C PHE A 270 -7.81 2.78 29.71
N ARG A 271 -8.47 2.86 30.88
CA ARG A 271 -9.90 2.61 31.00
C ARG A 271 -10.70 3.38 29.96
N GLU A 272 -10.44 4.68 29.87
CA GLU A 272 -11.22 5.55 29.01
C GLU A 272 -10.83 5.22 27.58
N LEU A 273 -9.56 4.90 27.38
CA LEU A 273 -9.06 4.58 26.07
C LEU A 273 -9.76 3.35 25.51
N ILE A 274 -9.98 2.35 26.35
CA ILE A 274 -10.72 1.15 25.93
C ILE A 274 -12.16 1.47 25.49
N ILE A 275 -12.90 2.14 26.37
CA ILE A 275 -14.29 2.49 26.09
C ILE A 275 -14.38 3.30 24.78
N GLU A 276 -13.53 4.30 24.67
CA GLU A 276 -13.51 5.17 23.51
C GLU A 276 -13.20 4.44 22.18
N PHE A 277 -12.10 3.70 22.14
CA PHE A 277 -11.72 3.03 20.90
C PHE A 277 -12.66 1.88 20.57
N SER A 278 -13.29 1.33 21.60
CA SER A 278 -14.28 0.28 21.42
C SER A 278 -15.55 0.77 20.72
N LYS A 279 -16.01 1.99 21.04
CA LYS A 279 -17.13 2.59 20.32
C LYS A 279 -16.78 2.76 18.84
N MET A 280 -15.61 3.31 18.58
CA MET A 280 -15.14 3.56 17.23
C MET A 280 -15.03 2.28 16.45
N ALA A 281 -14.65 1.19 17.13
CA ALA A 281 -14.44 -0.08 16.46
C ALA A 281 -15.75 -0.76 16.00
N ARG A 282 -16.90 -0.19 16.37
CA ARG A 282 -18.20 -0.70 15.93
C ARG A 282 -18.64 -0.01 14.65
N ASP A 283 -17.95 1.04 14.26
CA ASP A 283 -18.18 1.70 12.97
C ASP A 283 -16.83 2.26 12.48
N PRO A 284 -15.93 1.36 12.07
CA PRO A 284 -14.56 1.73 11.80
C PRO A 284 -14.41 2.77 10.69
N GLN A 285 -15.23 2.66 9.65
CA GLN A 285 -15.04 3.50 8.46
C GLN A 285 -15.37 4.94 8.76
N ARG A 286 -16.16 5.15 9.79
CA ARG A 286 -16.41 6.50 10.25
C ARG A 286 -15.12 7.19 10.69
N TYR A 287 -14.20 6.43 11.30
CA TYR A 287 -13.11 7.05 12.07
C TYR A 287 -11.74 6.90 11.44
N LEU A 288 -11.56 5.92 10.55
CA LEU A 288 -10.34 5.82 9.76
C LEU A 288 -10.70 5.65 8.30
N VAL A 289 -10.21 6.56 7.48
CA VAL A 289 -10.45 6.50 6.04
C VAL A 289 -9.21 5.96 5.32
N ILE A 290 -9.29 4.69 4.93
CA ILE A 290 -8.20 3.98 4.29
C ILE A 290 -8.61 3.59 2.89
N GLN A 291 -7.79 3.89 1.91
CA GLN A 291 -8.06 3.54 0.53
C GLN A 291 -8.38 2.08 0.34
N GLY A 292 -9.38 1.79 -0.44
CA GLY A 292 -9.79 0.41 -0.74
C GLY A 292 -10.42 -0.35 0.41
N ASP A 293 -10.74 0.32 1.50
CA ASP A 293 -11.31 -0.31 2.70
C ASP A 293 -12.82 0.03 2.80
N GLU A 294 -13.40 0.51 1.69
CA GLU A 294 -14.72 1.17 1.71
C GLU A 294 -15.83 0.13 1.86
N LEU B 12 -27.99 12.49 -32.36
CA LEU B 12 -27.40 12.46 -31.00
C LEU B 12 -25.94 12.97 -30.98
N LEU B 13 -25.23 12.77 -32.09
CA LEU B 13 -23.90 13.36 -32.28
C LEU B 13 -24.00 14.83 -32.67
N ARG B 14 -23.47 15.70 -31.82
CA ARG B 14 -23.61 17.13 -32.02
C ARG B 14 -22.44 17.68 -32.84
N ILE B 15 -22.75 18.36 -33.94
CA ILE B 15 -21.71 18.91 -34.79
C ILE B 15 -21.45 20.33 -34.35
N LEU B 16 -20.32 20.55 -33.68
CA LEU B 16 -20.02 21.84 -33.04
C LEU B 16 -19.34 22.80 -34.00
N LYS B 17 -19.72 24.06 -33.92
CA LYS B 17 -19.10 25.12 -34.72
C LYS B 17 -17.94 25.72 -33.92
N GLU B 18 -16.82 26.01 -34.61
CA GLU B 18 -15.62 26.59 -33.99
C GLU B 18 -15.90 27.71 -32.96
N THR B 19 -16.92 28.51 -33.24
CA THR B 19 -17.43 29.51 -32.30
C THR B 19 -17.64 28.97 -30.89
N GLU B 20 -18.12 27.73 -30.78
CA GLU B 20 -18.53 27.16 -29.49
C GLU B 20 -17.37 26.91 -28.52
N PHE B 21 -16.22 26.51 -29.05
CA PHE B 21 -15.16 25.96 -28.21
C PHE B 21 -13.82 26.59 -28.49
N LYS B 22 -12.96 26.61 -27.47
CA LYS B 22 -11.63 27.18 -27.61
C LYS B 22 -10.61 26.30 -26.90
N LYS B 23 -9.43 26.20 -27.52
CA LYS B 23 -8.28 25.51 -26.93
C LYS B 23 -7.51 26.46 -26.00
N ILE B 24 -7.28 26.01 -24.77
CA ILE B 24 -6.52 26.79 -23.80
C ILE B 24 -5.04 26.41 -23.86
N LYS B 25 -4.74 25.12 -23.70
CA LYS B 25 -3.36 24.66 -23.79
C LYS B 25 -3.22 23.17 -24.07
N VAL B 26 -2.04 22.81 -24.54
CA VAL B 26 -1.71 21.46 -24.93
C VAL B 26 -1.69 20.58 -23.69
N LEU B 27 -2.27 19.40 -23.78
CA LEU B 27 -2.06 18.35 -22.81
C LEU B 27 -1.25 17.21 -23.39
N GLY B 28 -1.05 17.19 -24.71
CA GLY B 28 -0.26 16.13 -25.31
C GLY B 28 -0.10 16.23 -26.82
N SER B 29 0.79 15.40 -27.35
CA SER B 29 0.95 15.22 -28.79
C SER B 29 1.34 13.77 -29.09
N GLY B 30 0.34 12.95 -29.39
CA GLY B 30 0.59 11.56 -29.79
C GLY B 30 0.85 11.40 -31.28
N ALA B 31 0.80 10.16 -31.72
CA ALA B 31 0.78 9.80 -33.15
C ALA B 31 -0.51 10.31 -33.79
N PHE B 32 -1.63 9.89 -33.22
CA PHE B 32 -2.96 10.38 -33.61
C PHE B 32 -3.01 11.89 -33.89
N GLY B 33 -2.32 12.68 -33.08
CA GLY B 33 -2.41 14.13 -33.15
C GLY B 33 -2.26 14.76 -31.79
N THR B 34 -2.55 16.04 -31.69
CA THR B 34 -2.35 16.79 -30.45
C THR B 34 -3.64 16.83 -29.64
N VAL B 35 -3.53 17.13 -28.34
CA VAL B 35 -4.68 17.11 -27.43
C VAL B 35 -4.67 18.31 -26.47
N TYR B 36 -5.83 18.90 -26.22
CA TYR B 36 -5.91 20.19 -25.53
C TYR B 36 -6.82 20.14 -24.32
N LYS B 37 -6.49 20.95 -23.32
CA LYS B 37 -7.50 21.46 -22.39
C LYS B 37 -8.23 22.60 -23.11
N GLY B 38 -9.51 22.74 -22.82
CA GLY B 38 -10.35 23.69 -23.53
C GLY B 38 -11.68 23.96 -22.85
N LEU B 39 -12.49 24.81 -23.47
CA LEU B 39 -13.75 25.24 -22.89
C LEU B 39 -14.86 25.25 -23.94
N TRP B 40 -16.06 24.83 -23.55
CA TRP B 40 -17.16 24.64 -24.49
C TRP B 40 -18.40 25.35 -23.96
N ILE B 41 -18.95 26.26 -24.77
CA ILE B 41 -20.25 26.87 -24.48
C ILE B 41 -21.24 26.49 -25.57
N PRO B 42 -22.34 25.82 -25.20
CA PRO B 42 -23.51 25.77 -26.07
C PRO B 42 -24.28 27.10 -26.07
N VAL B 47 -23.43 28.90 -20.13
CA VAL B 47 -22.83 27.85 -19.31
C VAL B 47 -21.51 27.35 -19.93
N LYS B 48 -20.48 27.21 -19.10
CA LYS B 48 -19.11 26.99 -19.58
C LYS B 48 -18.65 25.59 -19.17
N ILE B 49 -18.33 24.74 -20.15
CA ILE B 49 -17.99 23.35 -19.88
C ILE B 49 -16.53 23.07 -20.21
N PRO B 50 -15.77 22.65 -19.19
CA PRO B 50 -14.36 22.31 -19.37
C PRO B 50 -14.21 21.01 -20.15
N VAL B 51 -13.42 21.05 -21.21
CA VAL B 51 -13.37 19.94 -22.16
C VAL B 51 -11.96 19.54 -22.52
N ALA B 52 -11.84 18.31 -23.00
CA ALA B 52 -10.70 17.87 -23.75
C ALA B 52 -11.05 17.90 -25.24
N ILE B 53 -10.07 18.27 -26.06
CA ILE B 53 -10.25 18.43 -27.49
C ILE B 53 -9.13 17.67 -28.19
N LYS B 54 -9.47 16.53 -28.78
CA LYS B 54 -8.48 15.76 -29.52
C LYS B 54 -8.55 16.24 -30.95
N GLU B 55 -7.40 16.61 -31.50
CA GLU B 55 -7.29 17.03 -32.88
C GLU B 55 -6.33 16.12 -33.62
N LEU B 56 -6.82 15.49 -34.68
CA LEU B 56 -6.08 14.48 -35.42
C LEU B 56 -5.38 15.10 -36.60
N THR B 60 -5.85 10.55 -44.23
CA THR B 60 -6.85 11.61 -44.37
C THR B 60 -7.53 11.45 -45.74
N SER B 61 -8.51 10.56 -45.79
CA SER B 61 -9.09 10.09 -47.05
C SER B 61 -10.57 9.76 -46.83
N PRO B 62 -11.31 9.47 -47.93
CA PRO B 62 -12.75 9.21 -47.83
C PRO B 62 -13.11 7.96 -47.02
N LYS B 63 -12.35 6.88 -47.22
CA LYS B 63 -12.52 5.69 -46.40
C LYS B 63 -12.19 5.98 -44.92
N ALA B 64 -11.03 6.59 -44.71
CA ALA B 64 -10.61 7.03 -43.39
C ALA B 64 -11.72 7.83 -42.70
N ASN B 65 -12.10 8.97 -43.29
CA ASN B 65 -13.10 9.85 -42.68
C ASN B 65 -14.42 9.16 -42.34
N LYS B 66 -14.84 8.25 -43.20
CA LYS B 66 -16.15 7.61 -43.02
C LYS B 66 -16.15 6.68 -41.81
N GLU B 67 -15.04 5.96 -41.63
CA GLU B 67 -14.88 5.06 -40.50
C GLU B 67 -14.87 5.83 -39.18
N ILE B 68 -14.23 7.01 -39.19
CA ILE B 68 -14.22 7.88 -38.01
C ILE B 68 -15.64 8.34 -37.61
N LEU B 69 -16.45 8.68 -38.60
CA LEU B 69 -17.80 9.14 -38.37
C LEU B 69 -18.68 8.06 -37.77
N ASP B 70 -18.64 6.87 -38.37
CA ASP B 70 -19.43 5.75 -37.88
C ASP B 70 -19.03 5.42 -36.45
N GLU B 71 -17.79 5.57 -36.12
CA GLU B 71 -17.40 5.28 -34.80
C GLU B 71 -17.85 6.42 -33.91
N ALA B 72 -17.82 7.63 -34.41
CA ALA B 72 -18.18 8.80 -33.60
C ALA B 72 -19.69 8.88 -33.26
N TYR B 73 -20.53 8.40 -34.17
CA TYR B 73 -21.97 8.31 -33.90
C TYR B 73 -22.22 7.43 -32.70
N VAL B 74 -21.54 6.30 -32.67
CA VAL B 74 -21.68 5.38 -31.55
C VAL B 74 -21.07 5.98 -30.28
N MET B 75 -19.86 6.52 -30.38
CA MET B 75 -19.19 7.13 -29.23
C MET B 75 -20.03 8.22 -28.59
N ALA B 76 -20.71 9.00 -29.44
CA ALA B 76 -21.58 10.08 -28.99
C ALA B 76 -22.86 9.57 -28.35
N SER B 77 -23.12 8.28 -28.48
CA SER B 77 -24.33 7.66 -27.95
C SER B 77 -24.07 6.75 -26.74
N VAL B 78 -22.84 6.63 -26.29
CA VAL B 78 -22.53 5.64 -25.24
C VAL B 78 -23.15 6.02 -23.90
N ASP B 79 -23.93 5.10 -23.35
CA ASP B 79 -24.43 5.22 -21.98
C ASP B 79 -23.84 4.11 -21.12
N ASN B 80 -22.67 4.42 -20.53
CA ASN B 80 -21.92 3.49 -19.69
C ASN B 80 -20.96 4.28 -18.82
N PRO B 81 -20.99 4.06 -17.49
CA PRO B 81 -20.14 4.85 -16.61
C PRO B 81 -18.63 4.55 -16.72
N HIS B 82 -18.22 3.68 -17.65
CA HIS B 82 -16.82 3.32 -17.82
C HIS B 82 -16.34 3.55 -19.25
N VAL B 83 -17.08 4.36 -20.00
CA VAL B 83 -16.58 4.88 -21.28
C VAL B 83 -16.78 6.39 -21.34
N CYS B 84 -15.89 7.08 -22.05
CA CYS B 84 -16.11 8.51 -22.31
C CYS B 84 -17.07 8.70 -23.48
N ARG B 85 -18.27 9.21 -23.19
CA ARG B 85 -19.17 9.78 -24.20
C ARG B 85 -18.48 10.83 -25.07
N LEU B 86 -18.73 10.78 -26.37
CA LEU B 86 -18.28 11.83 -27.28
C LEU B 86 -19.31 12.97 -27.28
N LEU B 87 -18.91 14.11 -26.76
CA LEU B 87 -19.83 15.21 -26.53
C LEU B 87 -20.11 15.98 -27.82
N GLY B 88 -19.09 16.08 -28.66
CA GLY B 88 -19.24 16.72 -29.95
C GLY B 88 -18.03 16.58 -30.85
N ILE B 89 -18.21 16.97 -32.10
CA ILE B 89 -17.17 16.85 -33.11
C ILE B 89 -17.18 18.06 -34.05
N CYS B 90 -15.99 18.51 -34.45
CA CYS B 90 -15.87 19.65 -35.35
C CYS B 90 -15.12 19.25 -36.61
N LEU B 91 -15.85 19.28 -37.72
CA LEU B 91 -15.29 18.90 -39.01
C LEU B 91 -14.94 20.10 -39.85
N THR B 92 -13.66 20.26 -40.14
CA THR B 92 -13.14 21.41 -40.88
C THR B 92 -12.00 20.96 -41.80
N SER B 93 -10.92 21.72 -41.80
CA SER B 93 -9.61 21.22 -42.16
C SER B 93 -9.27 19.89 -41.45
N THR B 94 -9.63 19.78 -40.17
CA THR B 94 -9.29 18.62 -39.35
C THR B 94 -10.50 18.15 -38.53
N VAL B 95 -10.43 16.89 -38.12
CA VAL B 95 -11.39 16.34 -37.17
C VAL B 95 -10.98 16.71 -35.75
N GLN B 96 -11.94 17.19 -34.97
CA GLN B 96 -11.70 17.49 -33.56
C GLN B 96 -12.77 16.82 -32.71
N LEU B 97 -12.34 15.95 -31.82
CA LEU B 97 -13.24 15.25 -30.94
C LEU B 97 -13.26 15.98 -29.62
N ILE B 98 -14.47 16.25 -29.15
CA ILE B 98 -14.63 16.94 -27.89
C ILE B 98 -15.22 15.99 -26.86
N THR B 99 -14.60 15.94 -25.69
CA THR B 99 -14.96 15.00 -24.63
C THR B 99 -14.86 15.70 -23.27
N GLN B 100 -15.47 15.11 -22.23
CA GLN B 100 -15.37 15.65 -20.85
C GLN B 100 -13.93 15.63 -20.34
N LEU B 101 -13.50 16.75 -19.76
CA LEU B 101 -12.14 16.87 -19.22
C LEU B 101 -11.99 16.00 -17.97
N MET B 102 -11.01 15.10 -18.00
CA MET B 102 -10.69 14.27 -16.83
C MET B 102 -9.43 14.83 -16.17
N PRO B 103 -9.61 15.57 -15.07
CA PRO B 103 -8.49 16.34 -14.51
C PRO B 103 -7.31 15.47 -14.05
N PHE B 104 -7.61 14.24 -13.62
CA PHE B 104 -6.60 13.35 -13.04
C PHE B 104 -5.63 12.74 -14.07
N GLY B 105 -5.97 12.80 -15.37
CA GLY B 105 -5.10 12.24 -16.40
C GLY B 105 -5.27 10.75 -16.59
N CYS B 106 -4.32 10.13 -17.29
CA CYS B 106 -4.40 8.72 -17.60
C CYS B 106 -3.91 7.84 -16.45
N LEU B 107 -4.43 6.63 -16.46
CA LEU B 107 -4.13 5.64 -15.44
C LEU B 107 -2.67 5.22 -15.40
N LEU B 108 -2.07 5.10 -16.58
CA LEU B 108 -0.65 4.76 -16.67
C LEU B 108 0.14 5.74 -15.83
N ASP B 109 -0.05 7.02 -16.08
CA ASP B 109 0.68 8.05 -15.35
C ASP B 109 0.29 8.04 -13.88
N TYR B 110 -0.98 7.78 -13.59
CA TYR B 110 -1.44 7.76 -12.21
C TYR B 110 -0.74 6.70 -11.39
N VAL B 111 -0.62 5.52 -11.98
CA VAL B 111 -0.09 4.38 -11.28
C VAL B 111 1.40 4.60 -11.00
N ARG B 112 2.08 5.24 -11.95
CA ARG B 112 3.52 5.46 -11.82
C ARG B 112 3.83 6.46 -10.72
N GLU B 113 3.06 7.54 -10.67
CA GLU B 113 3.28 8.57 -9.66
C GLU B 113 2.80 8.15 -8.28
N HIS B 114 1.96 7.14 -8.21
CA HIS B 114 1.41 6.70 -6.93
C HIS B 114 1.70 5.23 -6.65
N LYS B 115 2.81 4.72 -7.15
CA LYS B 115 3.22 3.35 -6.90
C LYS B 115 2.93 2.90 -5.46
N ASP B 116 3.26 3.77 -4.49
CA ASP B 116 3.36 3.39 -3.06
C ASP B 116 2.01 3.37 -2.36
N ASN B 117 1.02 4.03 -2.96
CA ASN B 117 -0.27 4.20 -2.31
C ASN B 117 -1.41 3.52 -3.04
N ILE B 118 -1.07 2.54 -3.86
CA ILE B 118 -2.05 1.86 -4.68
C ILE B 118 -2.20 0.42 -4.17
N GLY B 119 -3.43 0.02 -3.88
CA GLY B 119 -3.68 -1.24 -3.22
C GLY B 119 -4.28 -2.28 -4.14
N SER B 120 -4.31 -3.51 -3.64
CA SER B 120 -4.88 -4.64 -4.36
C SER B 120 -6.36 -4.44 -4.77
N GLN B 121 -7.13 -3.83 -3.89
CA GLN B 121 -8.55 -3.58 -4.13
C GLN B 121 -8.73 -2.64 -5.33
N TYR B 122 -7.93 -1.58 -5.37
CA TYR B 122 -8.10 -0.57 -6.41
C TYR B 122 -7.68 -1.15 -7.76
N LEU B 123 -6.52 -1.80 -7.79
CA LEU B 123 -6.04 -2.48 -9.00
C LEU B 123 -7.09 -3.41 -9.58
N LEU B 124 -7.67 -4.20 -8.71
CA LEU B 124 -8.62 -5.18 -9.15
C LEU B 124 -9.88 -4.51 -9.62
N ASN B 125 -10.29 -3.44 -8.96
CA ASN B 125 -11.48 -2.72 -9.38
C ASN B 125 -11.28 -2.08 -10.73
N TRP B 126 -10.08 -1.55 -10.94
CA TRP B 126 -9.74 -1.03 -12.26
C TRP B 126 -9.90 -2.08 -13.34
N CYS B 127 -9.38 -3.28 -13.10
CA CYS B 127 -9.45 -4.32 -14.09
C CYS B 127 -10.88 -4.66 -14.43
N VAL B 128 -11.71 -4.81 -13.40
CA VAL B 128 -13.16 -5.02 -13.58
C VAL B 128 -13.78 -3.93 -14.45
N GLN B 129 -13.45 -2.68 -14.12
CA GLN B 129 -14.04 -1.53 -14.77
C GLN B 129 -13.64 -1.40 -16.20
N ILE B 130 -12.41 -1.76 -16.52
CA ILE B 130 -11.95 -1.66 -17.89
C ILE B 130 -12.62 -2.72 -18.73
N ALA B 131 -12.73 -3.93 -18.18
CA ALA B 131 -13.47 -5.02 -18.85
C ALA B 131 -14.88 -4.61 -19.15
N LYS B 132 -15.53 -3.93 -18.20
CA LYS B 132 -16.93 -3.57 -18.33
C LYS B 132 -17.16 -2.57 -19.45
N GLY B 133 -16.37 -1.51 -19.45
CA GLY B 133 -16.31 -0.57 -20.57
C GLY B 133 -16.10 -1.26 -21.90
N MET B 134 -15.12 -2.16 -21.95
CA MET B 134 -14.79 -2.87 -23.19
C MET B 134 -15.92 -3.76 -23.70
N ASN B 135 -16.63 -4.39 -22.77
CA ASN B 135 -17.72 -5.29 -23.11
C ASN B 135 -18.93 -4.51 -23.61
N TYR B 136 -19.18 -3.35 -22.99
CA TYR B 136 -20.11 -2.40 -23.54
C TYR B 136 -19.83 -2.12 -25.02
N LEU B 137 -18.61 -1.68 -25.33
CA LEU B 137 -18.28 -1.32 -26.69
C LEU B 137 -18.45 -2.50 -27.62
N GLU B 138 -18.00 -3.67 -27.19
CA GLU B 138 -18.15 -4.89 -27.98
C GLU B 138 -19.61 -5.15 -28.29
N ASP B 139 -20.49 -4.90 -27.31
CA ASP B 139 -21.94 -5.03 -27.54
C ASP B 139 -22.42 -4.02 -28.57
N ARG B 140 -21.75 -2.88 -28.66
CA ARG B 140 -22.02 -1.88 -29.68
C ARG B 140 -21.19 -2.10 -30.97
N ARG B 141 -20.74 -3.34 -31.19
CA ARG B 141 -19.94 -3.68 -32.37
C ARG B 141 -18.71 -2.80 -32.60
N LEU B 142 -18.08 -2.33 -31.53
CA LEU B 142 -16.90 -1.46 -31.64
C LEU B 142 -15.59 -2.16 -31.29
N VAL B 143 -14.68 -2.17 -32.23
CA VAL B 143 -13.33 -2.65 -32.03
C VAL B 143 -12.44 -1.44 -31.71
N HIS B 144 -12.01 -1.36 -30.46
CA HIS B 144 -11.30 -0.24 -29.91
C HIS B 144 -9.93 -0.01 -30.54
N ARG B 145 -9.13 -1.06 -30.62
CA ARG B 145 -7.88 -1.04 -31.37
C ARG B 145 -6.73 -0.21 -30.77
N ASP B 146 -6.94 0.43 -29.62
CA ASP B 146 -5.83 1.06 -28.89
C ASP B 146 -6.00 1.05 -27.36
N LEU B 147 -6.30 -0.12 -26.83
CA LEU B 147 -6.41 -0.28 -25.40
C LEU B 147 -5.00 -0.39 -24.81
N ALA B 148 -4.75 0.43 -23.79
CA ALA B 148 -3.47 0.57 -23.14
C ALA B 148 -3.68 1.46 -21.93
N ALA B 149 -2.83 1.37 -20.92
CA ALA B 149 -3.03 2.22 -19.73
C ALA B 149 -2.87 3.73 -20.02
N ARG B 150 -2.07 4.08 -21.03
CA ARG B 150 -2.15 5.37 -21.74
C ARG B 150 -3.57 5.89 -21.86
N ASN B 151 -4.45 5.05 -22.41
CA ASN B 151 -5.77 5.48 -22.87
C ASN B 151 -6.91 5.18 -21.92
N VAL B 152 -6.57 4.86 -20.69
CA VAL B 152 -7.59 4.75 -19.67
C VAL B 152 -7.43 5.94 -18.76
N LEU B 153 -8.55 6.61 -18.51
CA LEU B 153 -8.51 7.89 -17.82
C LEU B 153 -9.17 7.77 -16.47
N VAL B 154 -8.71 8.61 -15.56
CA VAL B 154 -9.16 8.60 -14.20
C VAL B 154 -10.13 9.78 -14.01
N LYS B 155 -11.41 9.43 -13.88
CA LYS B 155 -12.43 10.32 -13.29
C LYS B 155 -12.10 10.57 -11.81
N THR B 156 -11.97 9.48 -11.07
CA THR B 156 -11.68 9.44 -9.64
C THR B 156 -10.68 8.30 -9.45
N PRO B 157 -9.83 8.36 -8.40
CA PRO B 157 -9.05 7.19 -8.02
C PRO B 157 -9.79 5.85 -8.07
N GLN B 158 -11.12 5.87 -7.95
CA GLN B 158 -11.93 4.66 -7.87
C GLN B 158 -12.81 4.53 -9.08
N HIS B 159 -12.50 5.28 -10.14
CA HIS B 159 -13.40 5.40 -11.28
C HIS B 159 -12.62 5.73 -12.55
N VAL B 160 -12.44 4.72 -13.40
CA VAL B 160 -11.71 4.88 -14.67
C VAL B 160 -12.61 4.67 -15.86
N LYS B 161 -12.24 5.33 -16.96
CA LYS B 161 -13.03 5.29 -18.17
C LYS B 161 -12.13 5.05 -19.35
N ILE B 162 -12.63 4.27 -20.31
CA ILE B 162 -11.99 4.13 -21.59
C ILE B 162 -12.33 5.33 -22.47
N THR B 163 -11.36 5.79 -23.25
CA THR B 163 -11.63 6.84 -24.23
C THR B 163 -11.19 6.43 -25.64
N ASP B 164 -11.38 7.32 -26.61
CA ASP B 164 -10.99 7.04 -27.99
C ASP B 164 -10.38 8.24 -28.68
N PHE B 165 -9.34 7.99 -29.48
CA PHE B 165 -8.66 9.02 -30.28
C PHE B 165 -8.88 8.77 -31.79
N GLY B 166 -10.10 8.37 -32.13
CA GLY B 166 -10.49 8.18 -33.52
C GLY B 166 -9.91 6.96 -34.22
N LEU B 167 -9.49 5.95 -33.46
CA LEU B 167 -8.98 4.72 -34.04
C LEU B 167 -10.00 3.59 -34.05
N ALA B 168 -11.10 3.73 -33.33
CA ALA B 168 -12.03 2.61 -33.23
C ALA B 168 -12.74 2.43 -34.54
N LYS B 169 -13.20 1.21 -34.78
CA LYS B 169 -13.89 0.89 -36.00
C LYS B 169 -15.20 0.22 -35.64
N LEU B 170 -16.27 0.60 -36.35
CA LEU B 170 -17.52 -0.14 -36.30
C LEU B 170 -17.47 -1.35 -37.24
N LEU B 171 -18.03 -2.46 -36.78
CA LEU B 171 -18.15 -3.64 -37.61
C LEU B 171 -19.55 -3.73 -38.18
N GLY B 172 -19.64 -3.95 -39.50
CA GLY B 172 -20.91 -4.23 -40.16
C GLY B 172 -21.71 -5.33 -39.48
N ALA B 173 -23.01 -5.37 -39.76
CA ALA B 173 -23.91 -6.36 -39.15
C ALA B 173 -23.44 -7.80 -39.36
N GLU B 174 -22.75 -8.07 -40.48
CA GLU B 174 -22.18 -9.41 -40.72
C GLU B 174 -20.65 -9.49 -40.63
N GLU B 175 -19.94 -8.36 -40.58
CA GLU B 175 -18.47 -8.37 -40.41
C GLU B 175 -18.04 -8.90 -39.03
N LYS B 176 -16.90 -9.57 -38.98
CA LYS B 176 -16.28 -9.98 -37.71
C LYS B 176 -14.88 -9.39 -37.50
N GLU B 177 -14.24 -8.94 -38.57
CA GLU B 177 -12.90 -8.38 -38.49
C GLU B 177 -12.79 -7.02 -39.12
N TYR B 178 -11.67 -6.37 -38.82
CA TYR B 178 -11.27 -5.16 -39.50
C TYR B 178 -9.85 -5.30 -40.05
N HIS B 179 -9.72 -5.24 -41.37
CA HIS B 179 -8.40 -5.27 -41.99
CA HIS B 179 -8.43 -5.28 -42.03
C HIS B 179 -7.91 -3.85 -42.08
N ALA B 180 -6.72 -3.59 -41.60
CA ALA B 180 -6.22 -2.23 -41.50
C ALA B 180 -5.15 -1.91 -42.53
N GLU B 181 -5.09 -0.64 -42.92
CA GLU B 181 -4.07 -0.17 -43.82
C GLU B 181 -2.86 0.26 -43.03
N GLY B 182 -1.68 -0.16 -43.47
CA GLY B 182 -0.44 0.17 -42.80
C GLY B 182 -0.33 1.57 -42.22
N GLY B 183 -0.02 1.64 -40.93
CA GLY B 183 0.19 2.94 -40.30
C GLY B 183 1.06 2.83 -39.07
N LYS B 184 0.97 3.84 -38.21
CA LYS B 184 1.71 3.82 -36.96
C LYS B 184 0.87 3.08 -35.92
N VAL B 185 1.49 2.15 -35.22
CA VAL B 185 0.76 1.24 -34.35
C VAL B 185 1.56 0.85 -33.09
N PRO B 186 0.85 0.57 -31.98
CA PRO B 186 1.49 0.17 -30.73
C PRO B 186 1.76 -1.35 -30.69
N ILE B 187 2.92 -1.72 -31.20
CA ILE B 187 3.31 -3.11 -31.42
C ILE B 187 3.24 -3.93 -30.15
N LYS B 188 3.79 -3.40 -29.07
CA LYS B 188 3.91 -4.17 -27.84
C LYS B 188 2.56 -4.35 -27.12
N TRP B 189 1.53 -3.68 -27.62
CA TRP B 189 0.17 -3.86 -27.11
C TRP B 189 -0.72 -4.70 -28.02
N MET B 190 -0.21 -5.09 -29.18
CA MET B 190 -1.05 -5.68 -30.19
C MET B 190 -1.02 -7.20 -30.17
N ALA B 191 -2.18 -7.81 -30.47
CA ALA B 191 -2.26 -9.26 -30.68
C ALA B 191 -1.50 -9.68 -31.90
N LEU B 192 -1.01 -10.91 -31.86
CA LEU B 192 -0.09 -11.39 -32.89
C LEU B 192 -0.66 -11.18 -34.28
N GLU B 193 -1.96 -11.44 -34.42
CA GLU B 193 -2.60 -11.47 -35.73
C GLU B 193 -2.76 -10.05 -36.26
N SER B 194 -2.81 -9.07 -35.37
CA SER B 194 -2.85 -7.68 -35.79
C SER B 194 -1.53 -7.31 -36.40
N ILE B 195 -0.44 -7.78 -35.80
CA ILE B 195 0.89 -7.44 -36.27
C ILE B 195 1.18 -8.12 -37.61
N LEU B 196 0.77 -9.38 -37.74
CA LEU B 196 1.09 -10.15 -38.91
C LEU B 196 0.19 -9.82 -40.09
N HIS B 197 -1.10 -9.66 -39.83
CA HIS B 197 -2.10 -9.57 -40.92
C HIS B 197 -2.99 -8.33 -40.87
N ARG B 198 -2.59 -7.33 -40.11
CA ARG B 198 -3.42 -6.15 -39.91
C ARG B 198 -4.90 -6.48 -39.60
N ILE B 199 -5.12 -7.51 -38.80
CA ILE B 199 -6.47 -7.93 -38.44
C ILE B 199 -6.81 -7.51 -37.01
N TYR B 200 -8.02 -7.00 -36.84
CA TYR B 200 -8.50 -6.55 -35.54
C TYR B 200 -9.92 -7.03 -35.26
N THR B 201 -10.13 -7.50 -34.04
CA THR B 201 -11.39 -8.09 -33.59
C THR B 201 -11.56 -7.81 -32.11
N HIS B 202 -12.73 -8.15 -31.58
CA HIS B 202 -12.95 -7.98 -30.17
C HIS B 202 -11.93 -8.81 -29.42
N GLN B 203 -11.53 -9.93 -30.02
CA GLN B 203 -10.53 -10.80 -29.42
C GLN B 203 -9.09 -10.27 -29.53
N SER B 204 -8.81 -9.43 -30.53
CA SER B 204 -7.57 -8.66 -30.53
C SER B 204 -7.59 -7.61 -29.43
N ASP B 205 -8.75 -7.00 -29.17
CA ASP B 205 -8.90 -6.07 -28.02
C ASP B 205 -8.63 -6.75 -26.67
N VAL B 206 -9.15 -7.96 -26.51
CA VAL B 206 -8.88 -8.80 -25.34
C VAL B 206 -7.38 -9.02 -25.10
N TRP B 207 -6.62 -9.24 -26.17
CA TRP B 207 -5.17 -9.32 -26.02
C TRP B 207 -4.60 -8.05 -25.37
N SER B 208 -4.95 -6.89 -25.92
CA SER B 208 -4.44 -5.62 -25.39
C SER B 208 -4.88 -5.39 -23.94
N TYR B 209 -6.04 -5.93 -23.59
CA TYR B 209 -6.55 -5.81 -22.23
C TYR B 209 -5.61 -6.50 -21.27
N GLY B 210 -5.05 -7.63 -21.69
CA GLY B 210 -4.05 -8.35 -20.90
C GLY B 210 -2.77 -7.55 -20.65
N VAL B 211 -2.26 -6.94 -21.70
CA VAL B 211 -1.10 -6.04 -21.61
C VAL B 211 -1.39 -4.88 -20.65
N THR B 212 -2.63 -4.40 -20.68
CA THR B 212 -3.03 -3.26 -19.91
C THR B 212 -3.08 -3.63 -18.45
N VAL B 213 -3.68 -4.78 -18.20
CA VAL B 213 -3.68 -5.34 -16.86
C VAL B 213 -2.26 -5.55 -16.34
N TRP B 214 -1.38 -6.02 -17.22
CA TRP B 214 0.03 -6.18 -16.86
C TRP B 214 0.69 -4.84 -16.46
N GLU B 215 0.48 -3.81 -17.27
CA GLU B 215 0.91 -2.46 -16.94
C GLU B 215 0.45 -2.01 -15.56
N LEU B 216 -0.83 -2.24 -15.25
CA LEU B 216 -1.34 -1.92 -13.91
C LEU B 216 -0.65 -2.72 -12.81
N MET B 217 -0.48 -4.03 -13.02
CA MET B 217 0.01 -4.94 -11.97
C MET B 217 1.49 -4.75 -11.68
N THR B 218 2.21 -4.23 -12.67
CA THR B 218 3.63 -3.97 -12.55
C THR B 218 3.87 -2.50 -12.27
N PHE B 219 2.82 -1.78 -11.91
CA PHE B 219 2.91 -0.37 -11.59
C PHE B 219 3.53 0.49 -12.70
N GLY B 220 3.14 0.19 -13.93
CA GLY B 220 3.46 1.02 -15.06
C GLY B 220 4.77 0.68 -15.72
N SER B 221 5.25 -0.54 -15.56
CA SER B 221 6.45 -0.95 -16.30
C SER B 221 6.17 -0.99 -17.79
N LYS B 222 7.23 -0.89 -18.59
CA LYS B 222 7.12 -0.94 -20.04
C LYS B 222 7.10 -2.40 -20.50
N PRO B 223 6.10 -2.78 -21.31
CA PRO B 223 6.08 -4.17 -21.75
C PRO B 223 7.32 -4.55 -22.54
N TYR B 224 7.85 -5.75 -22.29
CA TYR B 224 9.00 -6.27 -23.02
C TYR B 224 10.16 -5.27 -23.06
N ASP B 225 10.46 -4.67 -21.92
CA ASP B 225 11.51 -3.66 -21.86
C ASP B 225 12.85 -4.25 -22.30
N GLY B 226 13.50 -3.59 -23.25
CA GLY B 226 14.79 -4.04 -23.76
C GLY B 226 14.70 -4.92 -24.98
N ILE B 227 13.49 -5.23 -25.42
CA ILE B 227 13.31 -5.97 -26.66
C ILE B 227 12.70 -5.03 -27.66
N PRO B 228 13.35 -4.86 -28.82
CA PRO B 228 12.77 -4.02 -29.87
C PRO B 228 11.52 -4.63 -30.48
N ALA B 229 10.63 -3.77 -30.92
CA ALA B 229 9.38 -4.18 -31.60
C ALA B 229 9.60 -5.01 -32.87
N SER B 230 10.69 -4.74 -33.58
CA SER B 230 11.01 -5.51 -34.79
C SER B 230 11.08 -7.02 -34.50
N GLU B 231 11.44 -7.37 -33.25
CA GLU B 231 11.60 -8.75 -32.83
C GLU B 231 10.35 -9.39 -32.21
N ILE B 232 9.32 -8.59 -31.94
CA ILE B 232 8.22 -9.01 -31.08
C ILE B 232 7.42 -10.18 -31.67
N SER B 233 7.09 -10.13 -32.94
CA SER B 233 6.27 -11.19 -33.51
C SER B 233 7.01 -12.53 -33.42
N SER B 234 8.31 -12.54 -33.67
CA SER B 234 9.05 -13.79 -33.62
C SER B 234 9.11 -14.35 -32.18
N ILE B 235 9.33 -13.47 -31.20
CA ILE B 235 9.25 -13.79 -29.76
C ILE B 235 7.90 -14.35 -29.34
N LEU B 236 6.84 -13.74 -29.87
CA LEU B 236 5.49 -14.21 -29.61
C LEU B 236 5.25 -15.57 -30.25
N GLU B 237 5.85 -15.79 -31.41
CA GLU B 237 5.65 -17.03 -32.14
C GLU B 237 6.37 -18.20 -31.48
N LYS B 238 7.51 -17.93 -30.86
CA LYS B 238 8.28 -18.93 -30.11
C LYS B 238 7.61 -19.31 -28.78
N GLY B 239 6.61 -18.52 -28.37
CA GLY B 239 5.86 -18.80 -27.15
C GLY B 239 6.17 -17.87 -25.99
N GLU B 240 7.04 -16.89 -26.20
CA GLU B 240 7.41 -15.98 -25.12
C GLU B 240 6.32 -14.97 -24.90
N ARG B 241 6.09 -14.63 -23.64
CA ARG B 241 5.01 -13.71 -23.28
C ARG B 241 5.51 -12.77 -22.19
N LEU B 242 4.71 -11.78 -21.84
CA LEU B 242 5.03 -10.92 -20.70
C LEU B 242 5.14 -11.75 -19.39
N PRO B 243 6.11 -11.38 -18.51
CA PRO B 243 6.41 -12.15 -17.30
C PRO B 243 5.41 -12.00 -16.16
N GLN B 244 5.49 -12.91 -15.20
CA GLN B 244 4.61 -12.85 -14.06
C GLN B 244 4.97 -11.64 -13.23
N PRO B 245 3.98 -10.80 -12.92
CA PRO B 245 4.24 -9.63 -12.10
C PRO B 245 4.50 -10.01 -10.67
N PRO B 246 5.46 -9.34 -10.00
CA PRO B 246 5.86 -9.64 -8.62
C PRO B 246 4.74 -9.68 -7.56
N ILE B 247 3.69 -8.87 -7.70
CA ILE B 247 2.54 -8.96 -6.78
C ILE B 247 1.50 -10.06 -7.16
N CYS B 248 1.59 -10.56 -8.39
CA CYS B 248 0.54 -11.44 -8.92
C CYS B 248 0.74 -12.86 -8.53
N THR B 249 -0.25 -13.42 -7.85
CA THR B 249 -0.36 -14.87 -7.68
C THR B 249 -0.64 -15.48 -9.03
N ILE B 250 -0.54 -16.80 -9.08
CA ILE B 250 -0.68 -17.53 -10.33
C ILE B 250 -2.12 -17.48 -10.89
N ASP B 251 -3.12 -17.46 -10.02
CA ASP B 251 -4.52 -17.33 -10.48
C ASP B 251 -4.74 -16.05 -11.30
N VAL B 252 -4.17 -14.96 -10.82
CA VAL B 252 -4.33 -13.69 -11.49
C VAL B 252 -3.56 -13.70 -12.79
N TYR B 253 -2.32 -14.15 -12.73
CA TYR B 253 -1.46 -14.18 -13.90
C TYR B 253 -1.99 -15.07 -15.06
N MET B 254 -2.53 -16.24 -14.77
CA MET B 254 -2.97 -17.13 -15.82
C MET B 254 -4.12 -16.54 -16.63
N ILE B 255 -4.97 -15.75 -15.98
CA ILE B 255 -6.01 -15.04 -16.71
C ILE B 255 -5.42 -14.10 -17.75
N MET B 256 -4.37 -13.39 -17.36
CA MET B 256 -3.71 -12.45 -18.26
C MET B 256 -3.10 -13.23 -19.40
N VAL B 257 -2.42 -14.33 -19.06
CA VAL B 257 -1.64 -15.08 -20.03
C VAL B 257 -2.52 -15.58 -21.17
N LYS B 258 -3.70 -16.09 -20.85
CA LYS B 258 -4.50 -16.75 -21.87
C LYS B 258 -5.24 -15.76 -22.78
N CYS B 259 -5.22 -14.47 -22.41
CA CYS B 259 -5.56 -13.37 -23.32
C CYS B 259 -4.58 -13.30 -24.47
N TRP B 260 -3.42 -13.91 -24.27
CA TRP B 260 -2.36 -13.86 -25.26
C TRP B 260 -2.16 -15.17 -25.97
N MET B 261 -3.15 -16.06 -25.94
CA MET B 261 -3.08 -17.29 -26.74
C MET B 261 -3.05 -16.94 -28.23
N ILE B 262 -2.51 -17.84 -29.03
CA ILE B 262 -2.41 -17.65 -30.48
C ILE B 262 -3.81 -17.68 -31.12
N ASP B 263 -4.60 -18.70 -30.78
CA ASP B 263 -5.96 -18.75 -31.28
C ASP B 263 -6.84 -17.68 -30.60
N ALA B 264 -7.15 -16.64 -31.34
CA ALA B 264 -7.88 -15.51 -30.81
C ALA B 264 -9.22 -15.89 -30.23
N ASP B 265 -9.90 -16.89 -30.82
CA ASP B 265 -11.26 -17.26 -30.36
C ASP B 265 -11.20 -18.06 -29.05
N SER B 266 -10.03 -18.59 -28.74
CA SER B 266 -9.82 -19.29 -27.50
C SER B 266 -9.44 -18.39 -26.31
N ARG B 267 -9.05 -17.15 -26.58
CA ARG B 267 -8.85 -16.17 -25.52
C ARG B 267 -10.16 -15.93 -24.77
N PRO B 268 -10.06 -15.48 -23.50
CA PRO B 268 -11.28 -15.16 -22.77
C PRO B 268 -12.08 -14.04 -23.43
N LYS B 269 -13.39 -14.11 -23.24
CA LYS B 269 -14.29 -13.04 -23.64
C LYS B 269 -14.38 -11.99 -22.52
N PHE B 270 -14.64 -10.74 -22.90
CA PHE B 270 -14.66 -9.64 -21.91
C PHE B 270 -15.65 -9.89 -20.77
N ARG B 271 -16.77 -10.54 -21.10
CA ARG B 271 -17.80 -10.92 -20.13
C ARG B 271 -17.27 -11.95 -19.12
N GLU B 272 -16.48 -12.90 -19.62
CA GLU B 272 -15.81 -13.84 -18.74
C GLU B 272 -14.85 -13.11 -17.80
N LEU B 273 -14.19 -12.07 -18.32
CA LEU B 273 -13.22 -11.32 -17.54
C LEU B 273 -13.89 -10.51 -16.46
N ILE B 274 -15.00 -9.86 -16.79
CA ILE B 274 -15.74 -9.08 -15.81
C ILE B 274 -16.08 -9.94 -14.61
N ILE B 275 -16.49 -11.17 -14.89
CA ILE B 275 -16.96 -12.07 -13.86
C ILE B 275 -15.79 -12.49 -12.98
N GLU B 276 -14.70 -12.89 -13.62
CA GLU B 276 -13.55 -13.44 -12.93
C GLU B 276 -12.86 -12.39 -12.08
N PHE B 277 -12.69 -11.20 -12.63
CA PHE B 277 -12.03 -10.15 -11.91
C PHE B 277 -12.91 -9.64 -10.78
N SER B 278 -14.22 -9.71 -10.96
CA SER B 278 -15.17 -9.36 -9.91
C SER B 278 -15.04 -10.32 -8.75
N LYS B 279 -14.84 -11.60 -9.06
CA LYS B 279 -14.60 -12.60 -8.02
C LYS B 279 -13.39 -12.24 -7.20
N MET B 280 -12.33 -11.84 -7.87
CA MET B 280 -11.06 -11.60 -7.21
C MET B 280 -11.10 -10.28 -6.43
N ALA B 281 -11.83 -9.29 -6.95
CA ALA B 281 -12.05 -8.01 -6.25
C ALA B 281 -12.80 -8.15 -4.91
N ARG B 282 -13.49 -9.27 -4.73
CA ARG B 282 -14.23 -9.55 -3.50
C ARG B 282 -13.27 -10.02 -2.37
N ASP B 283 -12.08 -10.46 -2.71
CA ASP B 283 -11.08 -10.82 -1.72
C ASP B 283 -9.68 -10.56 -2.29
N PRO B 284 -9.33 -9.29 -2.41
CA PRO B 284 -8.17 -8.85 -3.16
C PRO B 284 -6.85 -9.42 -2.66
N GLN B 285 -6.69 -9.50 -1.35
CA GLN B 285 -5.41 -9.88 -0.77
C GLN B 285 -5.09 -11.35 -1.00
N ARG B 286 -6.12 -12.16 -1.20
CA ARG B 286 -5.92 -13.50 -1.72
C ARG B 286 -5.22 -13.58 -3.09
N TYR B 287 -5.46 -12.60 -3.95
CA TYR B 287 -5.05 -12.69 -5.36
C TYR B 287 -3.90 -11.76 -5.77
N LEU B 288 -3.77 -10.62 -5.11
CA LEU B 288 -2.57 -9.77 -5.22
C LEU B 288 -1.92 -9.61 -3.84
N VAL B 289 -0.60 -9.77 -3.81
CA VAL B 289 0.15 -9.64 -2.58
C VAL B 289 1.19 -8.56 -2.70
N ILE B 290 1.01 -7.50 -1.91
CA ILE B 290 1.85 -6.31 -1.96
C ILE B 290 2.58 -6.17 -0.62
N GLN B 291 3.91 -6.31 -0.66
CA GLN B 291 4.73 -6.44 0.53
C GLN B 291 5.89 -5.46 0.60
N LYS C 7 -12.95 14.95 4.97
CA LYS C 7 -13.91 14.98 6.12
C LYS C 7 -13.14 14.92 7.44
N SER C 8 -12.60 16.08 7.85
CA SER C 8 -11.66 16.19 8.97
C SER C 8 -10.37 15.39 8.78
N LEU C 9 -10.15 14.85 7.60
CA LEU C 9 -8.86 14.24 7.28
C LEU C 9 -7.90 15.37 7.00
N PRO C 10 -6.62 15.19 7.35
CA PRO C 10 -5.68 16.27 7.15
C PRO C 10 -5.43 16.43 5.68
N SER C 11 -5.41 17.66 5.17
CA SER C 11 -4.94 17.89 3.82
C SER C 11 -3.47 18.24 3.88
N TYR C 12 -2.66 17.36 3.28
CA TYR C 12 -1.24 17.58 3.05
C TYR C 12 -0.99 17.63 1.55
N LEU C 13 0.02 18.39 1.17
CA LEU C 13 0.52 18.38 -0.20
C LEU C 13 1.15 17.01 -0.54
N ASN C 14 0.53 16.32 -1.50
CA ASN C 14 0.98 14.99 -1.95
C ASN C 14 1.08 13.98 -0.83
N GLY C 15 0.19 14.09 0.15
CA GLY C 15 0.14 13.12 1.24
C GLY C 15 1.28 13.21 2.25
N VAL C 16 2.13 14.22 2.14
CA VAL C 16 3.34 14.29 2.94
C VAL C 16 3.13 14.95 4.29
N MET C 17 3.43 14.20 5.35
CA MET C 17 3.39 14.74 6.70
C MET C 17 4.61 15.60 7.04
N PRO C 18 4.39 16.65 7.81
CA PRO C 18 5.51 17.34 8.40
C PRO C 18 6.04 16.57 9.61
N PRO C 19 7.28 16.83 10.03
CA PRO C 19 7.80 16.14 11.21
C PRO C 19 6.91 16.33 12.47
N THR C 20 6.41 17.53 12.69
CA THR C 20 5.56 17.85 13.83
C THR C 20 4.43 18.80 13.43
N GLN C 21 3.57 19.07 14.38
CA GLN C 21 2.41 19.95 14.22
C GLN C 21 2.23 20.63 15.60
N SER C 22 1.95 21.92 15.61
CA SER C 22 1.99 22.68 16.85
C SER C 22 0.61 22.82 17.47
N PHE C 23 0.58 22.62 18.77
CA PHE C 23 -0.61 22.88 19.55
C PHE C 23 -0.41 24.11 20.40
N ALA C 24 0.60 24.89 20.08
CA ALA C 24 0.75 26.17 20.74
C ALA C 24 -0.35 27.11 20.30
N PRO C 25 -0.79 28.01 21.19
CA PRO C 25 -0.31 28.34 22.51
C PRO C 25 -1.14 27.68 23.62
N ASP C 26 -1.69 26.49 23.35
CA ASP C 26 -2.54 25.78 24.32
C ASP C 26 -1.70 25.43 25.55
N PRO C 27 -2.11 25.91 26.74
CA PRO C 27 -1.31 25.65 27.94
C PRO C 27 -1.27 24.17 28.39
N LYS C 28 -2.09 23.31 27.84
CA LYS C 28 -1.99 21.89 28.13
C LYS C 28 -0.84 21.20 27.44
N TYR C 29 -0.29 21.86 26.39
CA TYR C 29 0.78 21.27 25.55
C TYR C 29 2.05 22.12 25.53
N VAL C 30 1.95 23.36 25.96
CA VAL C 30 3.11 24.21 26.08
C VAL C 30 3.54 24.23 27.51
N SER C 31 4.77 23.82 27.75
CA SER C 31 5.34 23.90 29.10
C SER C 31 5.52 25.36 29.50
N SER C 32 4.79 25.76 30.53
CA SER C 32 4.48 27.17 30.72
C SER C 32 5.50 27.86 31.67
N VAL C 47 16.91 20.76 29.48
CA VAL C 47 17.55 20.49 28.18
C VAL C 47 18.71 19.47 28.30
N PRO C 48 18.40 18.24 28.78
CA PRO C 48 19.41 17.27 29.21
C PRO C 48 20.23 16.68 28.07
N CYS C 49 21.24 15.88 28.45
CA CYS C 49 22.27 15.45 27.53
C CYS C 49 21.95 14.05 26.96
N ILE C 50 21.68 14.01 25.65
CA ILE C 50 21.18 12.81 24.95
C ILE C 50 22.28 12.31 24.00
N LEU C 51 22.81 11.11 24.18
CA LEU C 51 23.91 10.63 23.31
C LEU C 51 23.56 9.34 22.58
N PRO C 52 23.92 9.25 21.29
CA PRO C 52 23.58 8.06 20.53
C PRO C 52 24.41 6.86 20.95
N ILE C 53 24.01 5.68 20.49
CA ILE C 53 24.73 4.46 20.80
C ILE C 53 25.39 3.95 19.51
N ILE C 54 26.72 4.10 19.43
CA ILE C 54 27.47 3.97 18.18
C ILE C 54 28.73 3.11 18.38
N GLU C 55 28.80 1.94 17.73
CA GLU C 55 29.99 1.05 17.85
C GLU C 55 30.94 1.17 16.66
N ASN C 56 30.41 1.58 15.52
CA ASN C 56 31.22 2.16 14.44
C ASN C 56 30.39 3.11 13.58
N GLY C 57 31.06 4.13 13.03
CA GLY C 57 30.45 5.04 12.06
C GLY C 57 29.46 5.99 12.70
N LYS C 59 26.03 2.97 14.84
CA LYS C 59 24.65 3.05 15.31
C LYS C 59 23.98 1.68 15.31
N VAL C 60 24.23 0.90 16.36
CA VAL C 60 23.66 -0.43 16.47
C VAL C 60 22.22 -0.37 16.98
N CYS C 61 21.76 0.84 17.26
CA CYS C 61 20.40 1.04 17.76
C CYS C 61 20.00 2.50 17.71
N SER C 62 19.05 2.82 16.82
CA SER C 62 18.58 4.19 16.68
C SER C 62 17.37 4.60 17.44
N THR C 63 16.88 3.74 18.31
CA THR C 63 15.70 4.07 19.06
C THR C 63 16.02 4.48 20.46
N HIS C 64 17.15 4.03 20.94
CA HIS C 64 17.59 4.32 22.28
C HIS C 64 18.80 5.20 22.32
N PTR C 65 18.87 5.98 23.36
CA PTR C 65 19.93 6.95 23.56
C PTR C 65 20.34 6.91 24.99
O PTR C 65 19.59 6.48 25.86
CB PTR C 65 19.37 8.34 23.27
CG PTR C 65 19.12 8.52 21.79
CD1 PTR C 65 20.09 9.10 21.00
CD2 PTR C 65 17.93 8.10 21.21
CE1 PTR C 65 19.89 9.25 19.62
CE2 PTR C 65 17.74 8.23 19.84
CZ PTR C 65 18.71 8.84 19.04
OH PTR C 65 18.55 8.91 17.68
P PTR C 65 18.25 10.22 16.80
O1P PTR C 65 18.04 9.63 15.42
O2P PTR C 65 16.96 10.83 17.31
O3P PTR C 65 19.45 11.11 17.02
N PTR C 66 21.56 7.39 25.28
CA PTR C 66 22.00 7.65 26.65
C PTR C 66 21.34 8.89 27.13
O PTR C 66 21.33 9.89 26.44
CB PTR C 66 23.51 7.92 26.73
CG PTR C 66 24.32 6.65 26.57
CD1 PTR C 66 24.97 6.42 25.38
CD2 PTR C 66 24.43 5.73 27.62
CE1 PTR C 66 25.72 5.25 25.19
CE2 PTR C 66 25.17 4.57 27.44
CZ PTR C 66 25.83 4.33 26.22
OH PTR C 66 26.56 3.19 25.99
P PTR C 66 27.57 2.49 27.03
O1P PTR C 66 28.65 1.96 26.11
O2P PTR C 66 26.72 1.42 27.69
O3P PTR C 66 28.07 3.59 27.96
N LEU C 67 20.79 8.82 28.33
CA LEU C 67 20.24 10.00 29.01
C LEU C 67 21.06 10.34 30.26
N LEU C 68 21.84 11.42 30.17
CA LEU C 68 22.58 11.94 31.31
C LEU C 68 22.07 13.32 31.73
N PRO C 69 22.31 13.69 33.00
CA PRO C 69 22.27 15.09 33.46
C PRO C 69 23.26 16.01 32.75
N SER D 8 1.32 -19.10 -6.33
CA SER D 8 2.04 -18.22 -5.38
C SER D 8 2.93 -17.25 -6.15
N LEU D 9 3.49 -16.28 -5.44
CA LEU D 9 4.17 -15.15 -6.06
C LEU D 9 5.46 -15.62 -6.72
N PRO D 10 5.91 -14.91 -7.77
CA PRO D 10 7.11 -15.34 -8.48
C PRO D 10 8.36 -15.10 -7.68
N SER D 11 9.36 -15.96 -7.86
CA SER D 11 10.65 -15.78 -7.20
C SER D 11 11.65 -15.12 -8.15
N TYR D 12 12.04 -13.88 -7.83
CA TYR D 12 12.94 -13.10 -8.67
C TYR D 12 14.18 -12.67 -7.90
N LEU D 13 15.34 -12.92 -8.51
CA LEU D 13 16.62 -12.35 -8.07
C LEU D 13 16.37 -10.87 -7.84
N ASN D 14 16.37 -10.45 -6.60
CA ASN D 14 16.30 -9.05 -6.20
C ASN D 14 15.04 -8.34 -6.66
N GLY D 15 13.96 -9.07 -6.88
CA GLY D 15 12.69 -8.49 -7.31
C GLY D 15 12.58 -8.07 -8.78
N VAL D 16 13.57 -8.43 -9.59
CA VAL D 16 13.59 -8.03 -10.99
C VAL D 16 13.01 -9.08 -11.94
N MET D 17 11.92 -8.71 -12.61
CA MET D 17 11.36 -9.59 -13.62
C MET D 17 12.19 -9.50 -14.90
N PRO D 18 12.22 -10.59 -15.67
CA PRO D 18 12.89 -10.60 -16.96
C PRO D 18 12.00 -9.97 -17.98
N PRO D 19 12.53 -9.77 -19.20
CA PRO D 19 11.67 -9.20 -20.23
C PRO D 19 10.48 -10.10 -20.52
N THR D 20 10.71 -11.42 -20.52
CA THR D 20 9.70 -12.38 -20.95
C THR D 20 9.83 -13.65 -20.17
N GLN D 21 8.95 -14.59 -20.50
CA GLN D 21 8.84 -15.88 -19.85
C GLN D 21 8.26 -16.80 -20.92
N SER D 22 8.85 -17.95 -21.12
CA SER D 22 8.34 -18.83 -22.12
C SER D 22 7.24 -19.73 -21.67
N PHE D 23 6.33 -19.96 -22.56
CA PHE D 23 5.22 -20.83 -22.36
C PHE D 23 5.32 -22.00 -23.30
N ALA D 24 6.48 -22.16 -23.90
CA ALA D 24 6.77 -23.25 -24.78
C ALA D 24 6.89 -24.43 -23.87
N PRO D 25 6.60 -25.64 -24.35
CA PRO D 25 6.17 -25.83 -25.75
C PRO D 25 4.65 -26.04 -25.92
N ASP D 26 3.88 -25.28 -25.16
CA ASP D 26 2.41 -25.34 -25.22
C ASP D 26 1.97 -24.84 -26.58
N PRO D 27 1.28 -25.69 -27.36
CA PRO D 27 0.82 -25.26 -28.69
C PRO D 27 -0.16 -24.10 -28.64
N LYS D 28 -0.80 -23.87 -27.49
CA LYS D 28 -1.63 -22.68 -27.33
C LYS D 28 -0.91 -21.34 -27.43
N TYR D 29 0.36 -21.28 -27.01
CA TYR D 29 1.17 -20.04 -27.08
C TYR D 29 2.34 -20.08 -28.08
N VAL D 30 2.66 -21.26 -28.58
CA VAL D 30 3.72 -21.39 -29.52
C VAL D 30 3.04 -21.42 -30.83
N SER D 31 3.57 -20.67 -31.77
CA SER D 31 2.95 -20.62 -33.05
C SER D 31 3.55 -21.64 -33.94
N SER D 32 2.99 -22.83 -33.89
CA SER D 32 3.46 -23.93 -34.67
C SER D 32 3.43 -23.48 -36.09
N LYS D 33 4.64 -23.22 -36.60
CA LYS D 33 4.97 -22.71 -37.92
C LYS D 33 5.92 -21.53 -37.77
N VAL D 47 10.01 -11.60 -42.12
CA VAL D 47 9.52 -10.83 -40.97
C VAL D 47 8.85 -9.52 -41.45
N PRO D 48 7.68 -9.17 -40.84
CA PRO D 48 6.99 -7.88 -41.14
C PRO D 48 7.82 -6.63 -40.83
N CYS D 49 7.54 -5.54 -41.55
CA CYS D 49 8.44 -4.38 -41.57
C CYS D 49 8.06 -3.25 -40.57
N ILE D 50 8.91 -3.03 -39.57
CA ILE D 50 8.57 -2.19 -38.44
C ILE D 50 9.66 -1.15 -38.24
N LEU D 51 9.39 0.09 -38.68
CA LEU D 51 10.37 1.17 -38.61
C LEU D 51 9.94 2.15 -37.55
N PRO D 52 10.91 2.88 -36.96
CA PRO D 52 10.55 3.81 -35.90
C PRO D 52 9.94 5.09 -36.48
N ILE D 53 9.76 6.09 -35.63
CA ILE D 53 9.23 7.39 -36.07
C ILE D 53 10.34 8.44 -36.09
N VAL D 60 11.34 11.20 -30.39
CA VAL D 60 10.10 10.83 -31.06
C VAL D 60 9.36 9.75 -30.28
N CYS D 61 8.16 9.41 -30.75
CA CYS D 61 7.35 8.40 -30.10
C CYS D 61 8.17 7.17 -29.74
N SER D 62 7.91 6.60 -28.57
CA SER D 62 8.63 5.43 -28.11
C SER D 62 7.69 4.22 -27.94
N THR D 63 6.43 4.43 -28.29
CA THR D 63 5.42 3.37 -28.18
C THR D 63 4.89 2.94 -29.54
N HIS D 64 4.95 3.81 -30.53
CA HIS D 64 4.41 3.48 -31.84
C HIS D 64 5.48 3.38 -32.90
N PTR D 65 5.23 2.50 -33.87
CA PTR D 65 6.18 2.16 -34.93
C PTR D 65 5.38 2.02 -36.18
O PTR D 65 4.17 1.80 -36.13
CB PTR D 65 6.87 0.82 -34.64
CG PTR D 65 7.82 0.90 -33.47
CD1 PTR D 65 9.20 1.02 -33.66
CD2 PTR D 65 7.33 0.84 -32.18
CE1 PTR D 65 10.07 1.10 -32.57
CE2 PTR D 65 8.20 0.93 -31.09
CZ PTR D 65 9.58 1.03 -31.28
OH PTR D 65 10.40 1.14 -30.19
P PTR D 65 11.34 -0.04 -29.63
O1P PTR D 65 11.83 -0.80 -30.86
O2P PTR D 65 10.39 -0.77 -28.72
O3P PTR D 65 12.47 0.67 -28.89
N PTR D 66 6.06 2.09 -37.32
CA PTR D 66 5.40 1.98 -38.60
C PTR D 66 5.30 0.54 -38.99
O PTR D 66 6.31 -0.14 -39.06
CB PTR D 66 6.21 2.68 -39.70
CG PTR D 66 5.72 4.08 -39.95
CD1 PTR D 66 6.51 5.17 -39.56
CD2 PTR D 66 4.51 4.29 -40.60
CE1 PTR D 66 6.07 6.47 -39.80
CE2 PTR D 66 4.07 5.58 -40.84
CZ PTR D 66 4.84 6.66 -40.43
OH PTR D 66 4.42 7.93 -40.71
P PTR D 66 5.00 8.64 -42.04
O1P PTR D 66 3.82 9.43 -42.55
O2P PTR D 66 5.39 7.49 -42.94
O3P PTR D 66 6.17 9.45 -41.53
N LEU D 67 4.09 0.09 -39.30
CA LEU D 67 3.88 -1.26 -39.80
C LEU D 67 3.42 -1.26 -41.26
N LEU D 68 4.36 -1.37 -42.18
CA LEU D 68 4.09 -1.20 -43.62
C LEU D 68 4.14 -2.55 -44.37
N PRO D 69 3.10 -2.85 -45.19
CA PRO D 69 2.91 -4.21 -45.76
C PRO D 69 4.10 -4.80 -46.50
N GLU D 70 5.06 -3.97 -46.93
CA GLU D 70 6.41 -4.45 -47.26
C GLU D 70 7.17 -4.85 -46.01
#